data_8DKB
#
_entry.id   8DKB
#
_cell.length_a   60.600
_cell.length_b   109.300
_cell.length_c   103.830
_cell.angle_alpha   90.000
_cell.angle_beta   95.680
_cell.angle_gamma   90.000
#
_symmetry.space_group_name_H-M   'P 1 21 1'
#
loop_
_entity.id
_entity.type
_entity.pdbx_description
1 polymer 'YEATS domain-containing protein 4'
2 non-polymer N-ethyl-1-{(3S,4S)-1-[(1-hydroxycyclohexyl)methyl]-3-methylpiperidin-4-yl}-2-methyl-1H-benzimidazole-5-carboxamide
3 water water
#
_entity_poly.entity_id   1
_entity_poly.type   'polypeptide(L)'
_entity_poly.pdbx_seq_one_letter_code
;MFKRMAEFGPDSGGRVKGVTIVKPIVYGNVARYFGKKREEDGHTHQWTVYVKPYRNEDMSAYVKKIQFKLHESYGNPLRV
VTKPPYEITETGWGEFEIIIKIFFIDPNERPVTLYHLLKLFQSDTNAMLGKKTVVSEFYDEMIFQDPTAHHHHHH
;
_entity_poly.pdbx_strand_id   A,B,C,D,E,F,G,H
#
loop_
_chem_comp.id
_chem_comp.type
_chem_comp.name
_chem_comp.formula
SJI non-polymer N-ethyl-1-{(3S,4S)-1-[(1-hydroxycyclohexyl)methyl]-3-methylpiperidin-4-yl}-2-methyl-1H-benzimidazole-5-carboxamide 'C24 H36 N4 O2'
#
# COMPACT_ATOMS: atom_id res chain seq x y z
N VAL A 19 -11.83 9.08 6.23
CA VAL A 19 -12.67 7.99 5.73
C VAL A 19 -12.68 7.98 4.15
N THR A 20 -13.88 8.17 3.52
CA THR A 20 -14.11 8.23 2.07
C THR A 20 -13.80 9.63 1.52
N ILE A 21 -13.39 9.71 0.23
CA ILE A 21 -13.10 10.98 -0.45
C ILE A 21 -14.02 11.14 -1.64
N VAL A 22 -14.78 12.25 -1.67
CA VAL A 22 -15.71 12.57 -2.75
C VAL A 22 -15.18 13.78 -3.50
N LYS A 23 -15.01 13.63 -4.81
CA LYS A 23 -14.48 14.67 -5.67
C LYS A 23 -15.54 15.02 -6.70
N PRO A 24 -16.26 16.14 -6.51
CA PRO A 24 -17.30 16.53 -7.49
C PRO A 24 -16.64 16.95 -8.80
N ILE A 25 -17.30 16.65 -9.93
CA ILE A 25 -16.83 17.00 -11.26
C ILE A 25 -18.00 17.50 -12.06
N VAL A 26 -17.69 18.20 -13.15
CA VAL A 26 -18.64 18.62 -14.13
C VAL A 26 -18.09 18.19 -15.48
N TYR A 27 -18.94 17.67 -16.33
CA TYR A 27 -18.57 17.25 -17.66
C TYR A 27 -19.63 17.68 -18.64
N GLY A 28 -19.24 17.74 -19.90
CA GLY A 28 -20.16 18.13 -20.94
C GLY A 28 -19.48 18.88 -22.05
N ASN A 29 -20.20 19.81 -22.66
CA ASN A 29 -19.63 20.58 -23.74
C ASN A 29 -20.19 21.95 -23.89
N VAL A 30 -19.49 22.71 -24.68
CA VAL A 30 -19.93 24.04 -25.01
C VAL A 30 -19.78 24.04 -26.48
N ALA A 31 -20.59 24.84 -27.17
CA ALA A 31 -20.53 24.91 -28.63
C ALA A 31 -21.00 26.27 -29.10
N ARG A 32 -20.44 26.76 -30.21
CA ARG A 32 -20.86 28.03 -30.78
C ARG A 32 -20.96 27.91 -32.28
N TYR A 33 -22.08 28.42 -32.83
CA TYR A 33 -22.35 28.42 -34.26
C TYR A 33 -21.47 29.43 -34.94
N PHE A 34 -20.83 29.01 -36.04
CA PHE A 34 -19.96 29.85 -36.87
C PHE A 34 -20.66 31.10 -37.41
N GLY A 35 -21.97 31.00 -37.69
CA GLY A 35 -22.78 32.08 -38.27
C GLY A 35 -23.08 31.80 -39.74
N LYS A 36 -22.28 30.88 -40.33
CA LYS A 36 -22.35 30.42 -41.71
C LYS A 36 -21.58 29.10 -41.82
N LYS A 37 -21.99 28.22 -42.75
CA LYS A 37 -21.34 26.95 -42.99
C LYS A 37 -20.00 27.20 -43.67
N ARG A 38 -18.94 26.56 -43.17
CA ARG A 38 -17.59 26.68 -43.72
C ARG A 38 -17.53 25.84 -44.98
N GLU A 39 -17.22 26.48 -46.12
CA GLU A 39 -17.19 25.85 -47.43
C GLU A 39 -16.18 24.71 -47.55
N GLU A 40 -14.99 24.86 -46.94
CA GLU A 40 -13.93 23.86 -47.00
C GLU A 40 -14.33 22.43 -46.54
N ASP A 41 -15.11 22.31 -45.45
CA ASP A 41 -15.51 21.00 -44.90
C ASP A 41 -16.99 20.85 -44.51
N GLY A 42 -17.77 21.92 -44.63
CA GLY A 42 -19.19 21.92 -44.26
C GLY A 42 -19.44 22.02 -42.76
N HIS A 43 -18.37 22.36 -41.98
CA HIS A 43 -18.46 22.51 -40.53
C HIS A 43 -19.19 23.78 -40.18
N THR A 44 -20.07 23.72 -39.19
CA THR A 44 -20.93 24.82 -38.78
C THR A 44 -20.66 25.32 -37.36
N HIS A 45 -20.08 24.48 -36.49
CA HIS A 45 -19.82 24.80 -35.08
C HIS A 45 -18.45 24.44 -34.62
N GLN A 46 -17.98 25.18 -33.60
CA GLN A 46 -16.79 24.86 -32.86
C GLN A 46 -17.31 24.45 -31.48
N TRP A 47 -16.78 23.35 -30.96
CA TRP A 47 -17.20 22.79 -29.69
C TRP A 47 -16.05 22.33 -28.86
N THR A 48 -16.28 22.25 -27.56
CA THR A 48 -15.31 21.81 -26.60
C THR A 48 -15.97 20.87 -25.65
N VAL A 49 -15.47 19.62 -25.61
CA VAL A 49 -15.93 18.62 -24.65
C VAL A 49 -14.92 18.62 -23.50
N TYR A 50 -15.42 18.49 -22.27
CA TYR A 50 -14.56 18.57 -21.11
C TYR A 50 -15.00 17.76 -19.94
N VAL A 51 -14.06 17.59 -19.00
CA VAL A 51 -14.22 17.07 -17.64
C VAL A 51 -13.42 18.03 -16.74
N LYS A 52 -14.10 18.64 -15.78
CA LYS A 52 -13.44 19.59 -14.92
C LYS A 52 -13.78 19.29 -13.49
N PRO A 53 -12.91 19.64 -12.51
CA PRO A 53 -13.33 19.52 -11.10
C PRO A 53 -14.37 20.60 -10.82
N TYR A 54 -15.36 20.38 -9.96
CA TYR A 54 -16.28 21.47 -9.74
C TYR A 54 -15.51 22.57 -9.03
N ARG A 55 -14.72 22.21 -8.00
CA ARG A 55 -13.94 23.21 -7.27
C ARG A 55 -12.68 23.50 -8.02
N ASN A 56 -12.03 24.62 -7.73
CA ASN A 56 -10.77 24.98 -8.35
C ASN A 56 -9.62 24.16 -7.75
N GLU A 57 -9.31 23.00 -8.36
CA GLU A 57 -8.27 22.09 -7.85
C GLU A 57 -7.58 21.27 -8.92
N ASP A 58 -6.52 20.50 -8.55
CA ASP A 58 -5.72 19.68 -9.45
C ASP A 58 -6.12 18.21 -9.47
N MET A 59 -6.79 17.80 -10.55
CA MET A 59 -7.27 16.44 -10.72
C MET A 59 -6.17 15.47 -11.03
N SER A 60 -5.06 15.95 -11.63
CA SER A 60 -3.91 15.12 -12.02
C SER A 60 -3.25 14.38 -10.85
N ALA A 61 -3.56 14.81 -9.63
CA ALA A 61 -3.12 14.19 -8.39
C ALA A 61 -3.67 12.75 -8.30
N TYR A 62 -4.94 12.56 -8.76
CA TYR A 62 -5.66 11.28 -8.71
C TYR A 62 -6.13 10.71 -10.08
N VAL A 63 -6.15 11.54 -11.13
CA VAL A 63 -6.54 11.13 -12.50
C VAL A 63 -5.26 10.88 -13.34
N LYS A 64 -5.15 9.69 -13.93
CA LYS A 64 -4.04 9.28 -14.79
C LYS A 64 -4.23 9.83 -16.23
N LYS A 65 -5.45 9.65 -16.78
CA LYS A 65 -5.83 10.12 -18.10
C LYS A 65 -7.34 10.11 -18.28
N ILE A 66 -7.83 10.94 -19.21
CA ILE A 66 -9.24 10.97 -19.57
C ILE A 66 -9.32 10.78 -21.05
N GLN A 67 -10.07 9.75 -21.45
CA GLN A 67 -10.27 9.32 -22.82
C GLN A 67 -11.60 9.81 -23.32
N PHE A 68 -11.63 10.45 -24.50
CA PHE A 68 -12.86 10.95 -25.11
C PHE A 68 -13.04 10.25 -26.44
N LYS A 69 -13.99 9.34 -26.54
CA LYS A 69 -14.21 8.63 -27.81
C LYS A 69 -15.19 9.43 -28.67
N LEU A 70 -14.67 9.97 -29.79
CA LEU A 70 -15.42 10.79 -30.73
C LEU A 70 -16.05 9.97 -31.84
N HIS A 71 -16.83 10.66 -32.72
CA HIS A 71 -17.47 10.07 -33.87
C HIS A 71 -16.39 9.57 -34.86
N GLU A 72 -16.72 8.51 -35.62
CA GLU A 72 -15.86 7.86 -36.63
C GLU A 72 -15.38 8.83 -37.74
N SER A 73 -16.13 9.94 -38.00
CA SER A 73 -15.79 10.97 -38.99
C SER A 73 -14.55 11.75 -38.59
N TYR A 74 -14.21 11.75 -37.28
CA TYR A 74 -13.03 12.45 -36.77
C TYR A 74 -11.79 11.58 -36.87
N GLY A 75 -10.68 12.19 -37.24
CA GLY A 75 -9.39 11.52 -37.27
C GLY A 75 -8.98 11.22 -35.85
N ASN A 76 -8.38 10.02 -35.61
CA ASN A 76 -7.96 9.51 -34.30
C ASN A 76 -9.11 9.72 -33.30
N PRO A 77 -10.28 9.09 -33.55
CA PRO A 77 -11.46 9.35 -32.70
C PRO A 77 -11.31 9.03 -31.21
N LEU A 78 -10.33 8.18 -30.84
CA LEU A 78 -10.08 7.92 -29.45
C LEU A 78 -9.03 8.92 -28.97
N ARG A 79 -9.50 10.04 -28.39
CA ARG A 79 -8.64 11.12 -27.92
C ARG A 79 -8.33 10.92 -26.47
N VAL A 80 -7.04 10.99 -26.14
CA VAL A 80 -6.60 10.82 -24.75
C VAL A 80 -5.95 12.10 -24.27
N VAL A 81 -6.38 12.59 -23.09
CA VAL A 81 -5.81 13.75 -22.41
C VAL A 81 -5.19 13.25 -21.10
N THR A 82 -3.87 13.43 -20.97
CA THR A 82 -3.05 12.96 -19.84
C THR A 82 -2.77 14.01 -18.79
N LYS A 83 -2.81 15.29 -19.17
CA LYS A 83 -2.59 16.40 -18.24
C LYS A 83 -3.70 17.45 -18.34
N PRO A 84 -4.04 18.13 -17.22
CA PRO A 84 -5.11 19.15 -17.28
C PRO A 84 -4.76 20.31 -18.24
N PRO A 85 -5.79 21.04 -18.78
CA PRO A 85 -7.23 20.79 -18.65
C PRO A 85 -7.66 19.59 -19.50
N TYR A 86 -8.64 18.83 -18.99
CA TYR A 86 -9.14 17.64 -19.67
C TYR A 86 -10.25 18.10 -20.65
N GLU A 87 -9.82 18.67 -21.79
CA GLU A 87 -10.68 19.25 -22.83
C GLU A 87 -10.25 18.80 -24.20
N ILE A 88 -11.20 18.73 -25.13
CA ILE A 88 -10.96 18.44 -26.55
C ILE A 88 -11.79 19.46 -27.31
N THR A 89 -11.12 20.27 -28.14
CA THR A 89 -11.80 21.30 -28.94
C THR A 89 -11.74 20.85 -30.36
N GLU A 90 -12.87 20.88 -31.03
CA GLU A 90 -12.99 20.46 -32.43
C GLU A 90 -14.07 21.27 -33.14
N THR A 91 -14.22 21.04 -34.43
CA THR A 91 -15.26 21.66 -35.23
C THR A 91 -16.04 20.54 -35.88
N GLY A 92 -17.30 20.81 -36.18
CA GLY A 92 -18.16 19.79 -36.75
C GLY A 92 -19.45 20.36 -37.25
N TRP A 93 -20.34 19.46 -37.67
CA TRP A 93 -21.64 19.84 -38.21
C TRP A 93 -22.86 19.12 -37.57
N GLY A 94 -22.58 18.02 -36.89
CA GLY A 94 -23.63 17.22 -36.28
C GLY A 94 -23.37 16.78 -34.86
N GLU A 95 -24.45 16.41 -34.17
CA GLU A 95 -24.41 15.95 -32.78
C GLU A 95 -24.16 14.45 -32.74
N PHE A 96 -23.46 13.97 -31.72
CA PHE A 96 -23.15 12.56 -31.51
C PHE A 96 -22.85 12.29 -30.03
N GLU A 97 -22.80 11.02 -29.63
CA GLU A 97 -22.48 10.61 -28.27
C GLU A 97 -21.00 10.47 -28.12
N ILE A 98 -20.46 11.03 -27.04
CA ILE A 98 -19.06 10.92 -26.70
C ILE A 98 -19.00 10.02 -25.46
N ILE A 99 -18.12 9.01 -25.51
CA ILE A 99 -17.91 8.14 -24.39
C ILE A 99 -16.65 8.62 -23.72
N ILE A 100 -16.80 9.10 -22.47
CA ILE A 100 -15.73 9.65 -21.64
C ILE A 100 -15.33 8.60 -20.61
N LYS A 101 -14.05 8.23 -20.58
CA LYS A 101 -13.57 7.23 -19.65
C LYS A 101 -12.43 7.85 -18.82
N ILE A 102 -12.66 7.93 -17.49
CA ILE A 102 -11.71 8.50 -16.53
C ILE A 102 -10.89 7.38 -15.89
N PHE A 103 -9.57 7.44 -16.07
CA PHE A 103 -8.65 6.47 -15.53
C PHE A 103 -7.93 7.05 -14.32
N PHE A 104 -7.84 6.26 -13.24
CA PHE A 104 -7.21 6.72 -12.02
C PHE A 104 -5.76 6.25 -11.87
N ILE A 105 -5.02 7.01 -11.04
CA ILE A 105 -3.62 6.76 -10.67
C ILE A 105 -3.54 5.41 -9.94
N ASP A 106 -4.46 5.18 -8.98
CA ASP A 106 -4.57 3.93 -8.22
C ASP A 106 -5.15 2.86 -9.15
N PRO A 107 -4.38 1.78 -9.43
CA PRO A 107 -4.89 0.72 -10.34
C PRO A 107 -6.06 -0.09 -9.76
N ASN A 108 -6.27 0.01 -8.43
CA ASN A 108 -7.35 -0.66 -7.72
C ASN A 108 -8.70 0.07 -7.97
N GLU A 109 -8.63 1.30 -8.50
CA GLU A 109 -9.81 2.10 -8.82
C GLU A 109 -10.26 1.91 -10.27
N ARG A 110 -11.42 1.26 -10.41
CA ARG A 110 -12.10 0.97 -11.67
C ARG A 110 -12.36 2.30 -12.43
N PRO A 111 -12.08 2.38 -13.77
CA PRO A 111 -12.36 3.63 -14.49
C PRO A 111 -13.82 4.03 -14.45
N VAL A 112 -14.08 5.34 -14.51
CA VAL A 112 -15.43 5.88 -14.51
C VAL A 112 -15.83 6.13 -15.96
N THR A 113 -16.98 5.58 -16.38
CA THR A 113 -17.45 5.79 -17.74
C THR A 113 -18.65 6.72 -17.75
N LEU A 114 -18.53 7.80 -18.53
CA LEU A 114 -19.58 8.80 -18.70
C LEU A 114 -19.99 8.83 -20.14
N TYR A 115 -21.26 9.14 -20.38
CA TYR A 115 -21.80 9.23 -21.73
C TYR A 115 -22.37 10.61 -21.88
N HIS A 116 -21.97 11.29 -22.95
CA HIS A 116 -22.40 12.66 -23.16
C HIS A 116 -22.73 12.92 -24.60
N LEU A 117 -23.94 13.43 -24.82
CA LEU A 117 -24.40 13.78 -26.13
C LEU A 117 -23.92 15.19 -26.41
N LEU A 118 -23.05 15.31 -27.41
CA LEU A 118 -22.49 16.58 -27.85
C LEU A 118 -23.60 17.48 -28.36
N LYS A 119 -23.84 18.59 -27.68
CA LYS A 119 -24.89 19.51 -28.08
C LYS A 119 -24.29 20.65 -28.89
N LEU A 120 -24.78 20.86 -30.11
CA LEU A 120 -24.35 21.98 -30.96
C LEU A 120 -25.47 23.01 -31.15
N PHE A 121 -26.72 22.53 -31.36
CA PHE A 121 -27.89 23.38 -31.64
C PHE A 121 -28.57 23.86 -30.41
N GLN A 122 -28.79 25.19 -30.34
CA GLN A 122 -29.43 25.89 -29.21
C GLN A 122 -30.92 25.57 -29.19
N SER A 123 -31.44 25.27 -28.00
CA SER A 123 -32.87 25.03 -27.81
C SER A 123 -33.61 26.35 -28.14
N ASP A 124 -34.88 26.28 -28.59
CA ASP A 124 -35.64 27.51 -28.91
C ASP A 124 -35.75 28.45 -27.69
N THR A 125 -35.86 27.87 -26.47
CA THR A 125 -35.95 28.55 -25.18
C THR A 125 -34.72 29.41 -25.00
N ASN A 126 -33.52 28.79 -25.06
CA ASN A 126 -32.27 29.50 -24.89
C ASN A 126 -31.99 30.46 -26.05
N ALA A 127 -32.46 30.15 -27.26
CA ALA A 127 -32.32 31.04 -28.42
C ALA A 127 -33.14 32.32 -28.15
N MET A 128 -34.35 32.17 -27.56
CA MET A 128 -35.21 33.29 -27.20
C MET A 128 -34.64 34.10 -26.06
N LEU A 129 -33.96 33.44 -25.11
CA LEU A 129 -33.32 34.11 -23.96
C LEU A 129 -32.03 34.89 -24.42
N GLY A 130 -31.72 34.83 -25.72
CA GLY A 130 -30.61 35.52 -26.36
C GLY A 130 -29.24 34.94 -26.08
N LYS A 131 -29.19 33.69 -25.55
CA LYS A 131 -27.95 32.98 -25.26
C LYS A 131 -27.14 32.66 -26.58
N LYS A 132 -25.88 33.07 -26.62
CA LYS A 132 -25.00 32.90 -27.79
C LYS A 132 -24.35 31.50 -27.91
N THR A 133 -23.84 30.97 -26.78
CA THR A 133 -23.19 29.67 -26.76
C THR A 133 -24.07 28.61 -26.12
N VAL A 134 -23.99 27.40 -26.66
CA VAL A 134 -24.68 26.23 -26.13
C VAL A 134 -23.80 25.66 -25.00
N VAL A 135 -24.43 25.34 -23.86
CA VAL A 135 -23.73 24.74 -22.74
C VAL A 135 -24.57 23.58 -22.29
N SER A 136 -24.01 22.38 -22.35
CA SER A 136 -24.64 21.17 -21.88
C SER A 136 -23.65 20.56 -20.87
N GLU A 137 -23.92 20.80 -19.61
CA GLU A 137 -23.03 20.39 -18.51
C GLU A 137 -23.79 19.55 -17.53
N PHE A 138 -23.11 18.56 -17.00
CA PHE A 138 -23.70 17.63 -16.06
C PHE A 138 -22.78 17.44 -14.88
N TYR A 139 -23.39 16.99 -13.79
CA TYR A 139 -22.72 16.86 -12.52
C TYR A 139 -22.52 15.42 -12.17
N ASP A 140 -21.34 15.14 -11.58
CA ASP A 140 -21.08 13.83 -11.05
C ASP A 140 -20.14 13.94 -9.91
N GLU A 141 -20.08 12.89 -9.09
CA GLU A 141 -19.14 12.82 -7.95
C GLU A 141 -18.34 11.54 -8.04
N MET A 142 -17.02 11.67 -7.99
CA MET A 142 -16.16 10.49 -8.02
C MET A 142 -15.82 10.15 -6.56
N ILE A 143 -16.11 8.89 -6.15
CA ILE A 143 -15.89 8.40 -4.79
C ILE A 143 -14.65 7.50 -4.71
N PHE A 144 -13.74 7.82 -3.72
CA PHE A 144 -12.46 7.17 -3.40
C PHE A 144 -12.41 6.85 -1.91
N THR B 20 15.54 10.96 -26.47
CA THR B 20 15.06 10.28 -25.27
C THR B 20 16.14 10.30 -24.13
N ILE B 21 15.81 9.70 -22.95
CA ILE B 21 16.71 9.60 -21.77
C ILE B 21 16.99 8.10 -21.43
N VAL B 22 18.31 7.76 -21.25
CA VAL B 22 18.73 6.40 -20.90
C VAL B 22 19.39 6.39 -19.53
N LYS B 23 18.82 5.62 -18.61
CA LYS B 23 19.29 5.52 -17.25
C LYS B 23 19.72 4.10 -16.96
N PRO B 24 21.05 3.85 -16.93
CA PRO B 24 21.53 2.50 -16.66
C PRO B 24 21.31 2.10 -15.21
N ILE B 25 21.06 0.80 -15.00
CA ILE B 25 20.82 0.22 -13.67
C ILE B 25 21.50 -1.12 -13.56
N VAL B 26 21.65 -1.59 -12.34
CA VAL B 26 22.13 -2.92 -12.05
C VAL B 26 21.09 -3.53 -11.09
N TYR B 27 20.74 -4.77 -11.34
CA TYR B 27 19.79 -5.47 -10.51
C TYR B 27 20.29 -6.87 -10.24
N GLY B 28 19.75 -7.46 -9.21
CA GLY B 28 20.11 -8.82 -8.87
C GLY B 28 20.03 -9.09 -7.41
N ASN B 29 20.86 -10.00 -6.93
CA ASN B 29 20.87 -10.31 -5.52
C ASN B 29 22.26 -10.67 -4.94
N VAL B 30 22.33 -10.60 -3.62
CA VAL B 30 23.41 -11.14 -2.83
C VAL B 30 22.74 -12.15 -1.90
N ALA B 31 23.43 -13.22 -1.56
CA ALA B 31 22.89 -14.22 -0.66
C ALA B 31 23.99 -14.82 0.16
N ARG B 32 23.69 -15.23 1.39
CA ARG B 32 24.69 -15.81 2.25
C ARG B 32 24.13 -16.97 3.02
N TYR B 33 24.88 -18.09 3.07
CA TYR B 33 24.48 -19.29 3.79
C TYR B 33 24.68 -19.09 5.26
N PHE B 34 23.64 -19.47 6.01
CA PHE B 34 23.54 -19.42 7.46
C PHE B 34 24.69 -20.15 8.17
N GLY B 35 25.12 -21.25 7.58
CA GLY B 35 26.11 -22.13 8.17
C GLY B 35 25.42 -23.34 8.78
N LYS B 36 24.09 -23.22 9.01
CA LYS B 36 23.19 -24.22 9.56
C LYS B 36 21.73 -23.85 9.26
N LYS B 37 20.86 -24.86 9.13
CA LYS B 37 19.44 -24.71 8.90
C LYS B 37 18.78 -24.22 10.19
N ARG B 38 17.97 -23.18 10.07
CA ARG B 38 17.25 -22.59 11.18
C ARG B 38 16.04 -23.50 11.49
N GLU B 39 15.98 -24.02 12.72
CA GLU B 39 14.96 -24.94 13.24
C GLU B 39 13.51 -24.40 13.11
N GLU B 40 13.31 -23.12 13.49
CA GLU B 40 12.02 -22.44 13.49
C GLU B 40 11.27 -22.51 12.14
N ASP B 41 11.96 -22.36 11.00
CA ASP B 41 11.31 -22.33 9.69
C ASP B 41 12.01 -23.11 8.58
N GLY B 42 13.17 -23.69 8.88
CA GLY B 42 13.93 -24.43 7.88
C GLY B 42 14.72 -23.56 6.91
N HIS B 43 14.78 -22.24 7.19
CA HIS B 43 15.51 -21.27 6.36
C HIS B 43 17.00 -21.48 6.50
N THR B 44 17.71 -21.42 5.37
CA THR B 44 19.14 -21.67 5.29
C THR B 44 19.98 -20.45 4.86
N HIS B 45 19.38 -19.49 4.15
CA HIS B 45 20.06 -18.32 3.62
C HIS B 45 19.36 -17.03 3.90
N GLN B 46 20.14 -15.94 3.92
CA GLN B 46 19.65 -14.58 3.97
C GLN B 46 20.03 -14.01 2.63
N TRP B 47 19.12 -13.31 1.99
CA TRP B 47 19.34 -12.73 0.69
C TRP B 47 18.77 -11.34 0.57
N THR B 48 19.32 -10.60 -0.39
CA THR B 48 18.90 -9.24 -0.66
C THR B 48 18.77 -9.08 -2.12
N VAL B 49 17.56 -8.76 -2.58
CA VAL B 49 17.27 -8.48 -3.99
C VAL B 49 17.21 -6.96 -4.10
N TYR B 50 17.77 -6.44 -5.19
CA TYR B 50 17.89 -5.00 -5.36
C TYR B 50 17.85 -4.53 -6.80
N VAL B 51 17.63 -3.22 -6.93
CA VAL B 51 17.75 -2.42 -8.14
C VAL B 51 18.52 -1.17 -7.70
N LYS B 52 19.68 -0.93 -8.35
CA LYS B 52 20.54 0.22 -8.02
C LYS B 52 20.90 0.96 -9.31
N PRO B 53 21.19 2.28 -9.25
CA PRO B 53 21.66 2.95 -10.47
C PRO B 53 23.07 2.48 -10.74
N TYR B 54 23.51 2.43 -12.02
CA TYR B 54 24.87 1.98 -12.37
C TYR B 54 25.93 2.83 -11.69
N ARG B 55 25.69 4.14 -11.68
CA ARG B 55 26.53 5.13 -11.03
C ARG B 55 25.82 5.67 -9.78
N ASN B 56 26.56 6.36 -8.91
CA ASN B 56 26.03 6.86 -7.65
C ASN B 56 25.11 8.06 -7.88
N GLU B 57 23.84 7.78 -8.06
CA GLU B 57 22.82 8.77 -8.39
C GLU B 57 21.54 8.59 -7.53
N ASP B 58 20.59 9.56 -7.60
CA ASP B 58 19.29 9.45 -6.95
C ASP B 58 18.24 9.05 -7.97
N MET B 59 17.81 7.79 -7.90
CA MET B 59 16.80 7.23 -8.80
C MET B 59 15.40 7.76 -8.49
N SER B 60 15.13 8.16 -7.23
CA SER B 60 13.82 8.66 -6.83
C SER B 60 13.39 9.91 -7.58
N ALA B 61 14.32 10.54 -8.29
CA ALA B 61 14.08 11.70 -9.15
C ALA B 61 13.14 11.29 -10.28
N TYR B 62 13.27 10.04 -10.80
CA TYR B 62 12.47 9.49 -11.90
C TYR B 62 11.70 8.19 -11.60
N VAL B 63 12.06 7.46 -10.52
CA VAL B 63 11.36 6.24 -10.10
C VAL B 63 10.33 6.52 -8.98
N LYS B 64 9.08 6.11 -9.18
CA LYS B 64 8.00 6.29 -8.22
C LYS B 64 8.03 5.16 -7.18
N LYS B 65 8.14 3.92 -7.65
CA LYS B 65 8.17 2.71 -6.81
C LYS B 65 8.71 1.51 -7.60
N ILE B 66 9.31 0.56 -6.87
CA ILE B 66 9.78 -0.69 -7.47
C ILE B 66 9.13 -1.80 -6.70
N GLN B 67 8.48 -2.68 -7.46
CA GLN B 67 7.72 -3.80 -6.97
C GLN B 67 8.54 -5.07 -7.19
N PHE B 68 8.69 -5.88 -6.14
CA PHE B 68 9.41 -7.14 -6.22
C PHE B 68 8.44 -8.26 -5.93
N LYS B 69 8.08 -9.08 -6.92
CA LYS B 69 7.16 -10.18 -6.69
C LYS B 69 7.95 -11.43 -6.30
N LEU B 70 7.78 -11.85 -5.05
CA LEU B 70 8.48 -13.01 -4.47
C LEU B 70 7.65 -14.28 -4.61
N HIS B 71 8.18 -15.41 -4.17
CA HIS B 71 7.47 -16.69 -4.20
C HIS B 71 6.27 -16.68 -3.29
N GLU B 72 5.25 -17.47 -3.63
CA GLU B 72 3.98 -17.58 -2.90
C GLU B 72 4.14 -17.98 -1.42
N SER B 73 5.25 -18.68 -1.07
CA SER B 73 5.53 -19.10 0.30
C SER B 73 5.78 -17.90 1.21
N TYR B 74 6.15 -16.73 0.63
CA TYR B 74 6.42 -15.50 1.39
C TYR B 74 5.16 -14.76 1.63
N GLY B 75 5.01 -14.22 2.84
CA GLY B 75 3.85 -13.41 3.20
C GLY B 75 3.92 -12.10 2.44
N ASN B 76 2.78 -11.61 1.94
CA ASN B 76 2.70 -10.37 1.14
C ASN B 76 3.77 -10.49 0.00
N PRO B 77 3.66 -11.51 -0.91
CA PRO B 77 4.73 -11.72 -1.91
C PRO B 77 4.95 -10.56 -2.85
N LEU B 78 3.98 -9.66 -3.00
CA LEU B 78 4.15 -8.48 -3.82
C LEU B 78 4.67 -7.36 -2.93
N ARG B 79 6.00 -7.20 -2.88
CA ARG B 79 6.67 -6.22 -2.05
C ARG B 79 6.89 -4.96 -2.83
N VAL B 80 6.47 -3.82 -2.26
CA VAL B 80 6.63 -2.53 -2.90
C VAL B 80 7.59 -1.64 -2.09
N VAL B 81 8.61 -1.09 -2.80
CA VAL B 81 9.55 -0.15 -2.23
C VAL B 81 9.32 1.18 -2.93
N THR B 82 8.95 2.22 -2.14
CA THR B 82 8.61 3.57 -2.63
C THR B 82 9.73 4.61 -2.53
N LYS B 83 10.72 4.35 -1.68
CA LYS B 83 11.84 5.25 -1.50
C LYS B 83 13.15 4.48 -1.51
N PRO B 84 14.27 5.08 -1.99
CA PRO B 84 15.54 4.35 -1.98
C PRO B 84 15.99 3.95 -0.58
N PRO B 85 16.78 2.86 -0.41
CA PRO B 85 17.29 1.96 -1.47
C PRO B 85 16.22 0.99 -1.91
N TYR B 86 16.21 0.63 -3.19
CA TYR B 86 15.22 -0.29 -3.73
C TYR B 86 15.68 -1.71 -3.51
N GLU B 87 15.56 -2.17 -2.25
CA GLU B 87 16.05 -3.47 -1.77
C GLU B 87 15.04 -4.17 -0.95
N ILE B 88 15.09 -5.50 -0.97
CA ILE B 88 14.24 -6.36 -0.13
C ILE B 88 15.18 -7.39 0.45
N THR B 89 15.23 -7.48 1.77
CA THR B 89 16.07 -8.45 2.47
C THR B 89 15.12 -9.42 3.12
N GLU B 90 15.38 -10.70 2.91
CA GLU B 90 14.58 -11.77 3.42
C GLU B 90 15.45 -12.97 3.70
N THR B 91 14.84 -14.03 4.21
CA THR B 91 15.48 -15.31 4.46
C THR B 91 14.67 -16.39 3.72
N GLY B 92 15.32 -17.49 3.42
CA GLY B 92 14.64 -18.57 2.72
C GLY B 92 15.47 -19.82 2.61
N TRP B 93 14.98 -20.78 1.84
CA TRP B 93 15.66 -22.06 1.65
C TRP B 93 15.80 -22.48 0.19
N GLY B 94 15.03 -21.85 -0.69
CA GLY B 94 15.08 -22.19 -2.10
C GLY B 94 15.14 -21.01 -3.06
N GLU B 95 15.53 -21.32 -4.30
CA GLU B 95 15.67 -20.35 -5.38
C GLU B 95 14.35 -20.23 -6.11
N PHE B 96 14.12 -19.06 -6.70
CA PHE B 96 12.91 -18.77 -7.43
C PHE B 96 13.10 -17.51 -8.27
N GLU B 97 12.25 -17.34 -9.25
CA GLU B 97 12.30 -16.16 -10.10
C GLU B 97 11.57 -15.02 -9.42
N ILE B 98 12.23 -13.86 -9.33
CA ILE B 98 11.56 -12.65 -8.84
C ILE B 98 11.19 -11.81 -10.08
N ILE B 99 10.00 -11.24 -10.07
CA ILE B 99 9.51 -10.36 -11.13
C ILE B 99 9.58 -8.95 -10.54
N ILE B 100 10.51 -8.14 -11.08
CA ILE B 100 10.74 -6.77 -10.69
C ILE B 100 10.02 -5.81 -11.65
N LYS B 101 9.15 -4.95 -11.13
CA LYS B 101 8.42 -3.97 -11.93
C LYS B 101 8.73 -2.57 -11.45
N ILE B 102 9.34 -1.77 -12.32
CA ILE B 102 9.75 -0.38 -12.07
C ILE B 102 8.70 0.61 -12.57
N PHE B 103 8.12 1.41 -11.66
CA PHE B 103 7.10 2.41 -11.97
C PHE B 103 7.73 3.80 -11.94
N PHE B 104 7.41 4.62 -12.93
CA PHE B 104 7.97 5.96 -13.07
C PHE B 104 7.08 7.04 -12.48
N ILE B 105 7.64 8.24 -12.25
CA ILE B 105 6.93 9.40 -11.68
C ILE B 105 5.78 9.80 -12.62
N ASP B 106 6.06 9.81 -13.95
CA ASP B 106 5.06 10.07 -14.97
C ASP B 106 4.21 8.78 -15.13
N PRO B 107 2.89 8.83 -14.82
CA PRO B 107 2.06 7.60 -14.95
C PRO B 107 1.86 7.12 -16.37
N ASN B 108 2.17 7.99 -17.35
CA ASN B 108 2.09 7.75 -18.80
C ASN B 108 3.30 6.95 -19.31
N GLU B 109 4.31 6.79 -18.43
CA GLU B 109 5.53 6.01 -18.69
C GLU B 109 5.30 4.59 -18.23
N ARG B 110 5.13 3.68 -19.19
CA ARG B 110 4.89 2.26 -19.01
C ARG B 110 5.99 1.66 -18.08
N PRO B 111 5.57 0.86 -17.07
CA PRO B 111 6.55 0.25 -16.17
C PRO B 111 7.54 -0.66 -16.90
N VAL B 112 8.76 -0.77 -16.34
CA VAL B 112 9.80 -1.67 -16.85
C VAL B 112 9.74 -2.97 -16.08
N THR B 113 9.62 -4.12 -16.80
CA THR B 113 9.58 -5.41 -16.14
C THR B 113 10.90 -6.18 -16.31
N LEU B 114 11.50 -6.59 -15.19
CA LEU B 114 12.72 -7.36 -15.18
C LEU B 114 12.42 -8.68 -14.49
N TYR B 115 13.17 -9.70 -14.87
CA TYR B 115 13.02 -11.03 -14.30
C TYR B 115 14.38 -11.39 -13.78
N HIS B 116 14.45 -11.84 -12.53
CA HIS B 116 15.72 -12.23 -11.94
C HIS B 116 15.57 -13.51 -11.15
N LEU B 117 16.46 -14.48 -11.43
CA LEU B 117 16.47 -15.72 -10.68
C LEU B 117 17.25 -15.50 -9.37
N LEU B 118 16.56 -15.64 -8.24
CA LEU B 118 17.23 -15.45 -6.98
C LEU B 118 18.27 -16.54 -6.73
N LYS B 119 19.60 -16.19 -6.72
CA LYS B 119 20.67 -17.17 -6.55
C LYS B 119 21.07 -17.29 -5.11
N LEU B 120 20.96 -18.49 -4.57
CA LEU B 120 21.30 -18.80 -3.18
C LEU B 120 22.52 -19.68 -3.04
N PHE B 121 22.67 -20.70 -3.89
CA PHE B 121 23.72 -21.71 -3.78
C PHE B 121 24.98 -21.36 -4.50
N GLN B 122 26.09 -21.46 -3.76
CA GLN B 122 27.48 -21.21 -4.17
C GLN B 122 28.00 -22.36 -5.02
N SER B 123 28.66 -22.04 -6.14
CA SER B 123 29.26 -23.05 -7.01
C SER B 123 30.39 -23.74 -6.21
N ASP B 124 30.76 -24.98 -6.57
CA ASP B 124 31.83 -25.71 -5.87
C ASP B 124 33.16 -24.98 -5.99
N THR B 125 33.39 -24.31 -7.15
CA THR B 125 34.60 -23.53 -7.44
C THR B 125 34.70 -22.36 -6.42
N ASN B 126 33.61 -21.56 -6.30
CA ASN B 126 33.60 -20.43 -5.39
C ASN B 126 33.65 -20.90 -3.96
N ALA B 127 33.03 -22.05 -3.66
CA ALA B 127 33.03 -22.61 -2.31
C ALA B 127 34.45 -22.97 -1.92
N MET B 128 35.22 -23.55 -2.87
CA MET B 128 36.63 -23.92 -2.63
C MET B 128 37.53 -22.69 -2.49
N LEU B 129 37.22 -21.61 -3.24
CA LEU B 129 37.93 -20.33 -3.19
C LEU B 129 37.69 -19.59 -1.86
N GLY B 130 36.81 -20.15 -1.02
CA GLY B 130 36.49 -19.61 0.29
C GLY B 130 35.56 -18.41 0.27
N LYS B 131 34.89 -18.15 -0.88
CA LYS B 131 33.93 -17.03 -1.06
C LYS B 131 32.70 -17.24 -0.20
N LYS B 132 32.39 -16.24 0.63
CA LYS B 132 31.30 -16.32 1.61
C LYS B 132 29.93 -16.02 1.03
N THR B 133 29.83 -14.96 0.21
CA THR B 133 28.57 -14.54 -0.37
C THR B 133 28.45 -14.84 -1.85
N VAL B 134 27.23 -15.19 -2.25
CA VAL B 134 26.85 -15.44 -3.62
C VAL B 134 26.38 -14.10 -4.19
N VAL B 135 26.79 -13.77 -5.45
CA VAL B 135 26.39 -12.51 -6.10
C VAL B 135 25.87 -12.81 -7.48
N SER B 136 24.71 -12.33 -7.82
CA SER B 136 24.17 -12.47 -9.17
C SER B 136 23.62 -11.09 -9.57
N GLU B 137 24.40 -10.33 -10.33
CA GLU B 137 24.02 -8.99 -10.73
C GLU B 137 24.03 -8.84 -12.25
N PHE B 138 23.10 -8.07 -12.79
CA PHE B 138 22.96 -7.85 -14.21
C PHE B 138 22.76 -6.37 -14.51
N TYR B 139 23.19 -5.94 -15.69
CA TYR B 139 23.05 -4.57 -16.13
C TYR B 139 21.84 -4.43 -17.06
N ASP B 140 21.15 -3.30 -16.98
CA ASP B 140 20.08 -2.96 -17.89
C ASP B 140 19.95 -1.46 -18.01
N GLU B 141 19.17 -0.99 -19.00
CA GLU B 141 18.96 0.43 -19.24
C GLU B 141 17.49 0.74 -19.30
N MET B 142 17.07 1.76 -18.54
CA MET B 142 15.71 2.23 -18.57
C MET B 142 15.63 3.43 -19.52
N ILE B 143 14.78 3.32 -20.55
CA ILE B 143 14.56 4.34 -21.57
C ILE B 143 13.14 4.99 -21.34
N PHE B 144 13.11 6.32 -21.16
CA PHE B 144 11.86 7.04 -20.86
C PHE B 144 11.91 8.53 -21.26
N GLN B 145 10.98 9.37 -20.68
CA GLN B 145 10.86 10.82 -20.89
C GLN B 145 10.11 11.48 -19.69
N THR C 20 19.87 -7.23 50.22
CA THR C 20 19.49 -6.38 49.07
C THR C 20 17.95 -6.20 48.87
N ILE C 21 17.51 -5.00 48.43
CA ILE C 21 16.10 -4.69 48.11
C ILE C 21 16.01 -4.20 46.68
N VAL C 22 15.17 -4.86 45.88
CA VAL C 22 14.98 -4.53 44.46
C VAL C 22 13.58 -3.95 44.23
N LYS C 23 13.54 -2.77 43.61
CA LYS C 23 12.32 -2.08 43.28
C LYS C 23 12.20 -1.97 41.76
N PRO C 24 11.40 -2.83 41.12
CA PRO C 24 11.26 -2.76 39.66
C PRO C 24 10.54 -1.49 39.21
N ILE C 25 10.90 -1.00 38.01
CA ILE C 25 10.35 0.20 37.38
C ILE C 25 10.22 -0.01 35.90
N VAL C 26 9.42 0.83 35.25
CA VAL C 26 9.23 0.88 33.81
C VAL C 26 9.42 2.35 33.44
N TYR C 27 10.19 2.60 32.41
CA TYR C 27 10.45 3.94 31.92
C TYR C 27 10.32 3.96 30.41
N GLY C 28 10.17 5.15 29.86
CA GLY C 28 10.07 5.31 28.42
C GLY C 28 9.21 6.48 28.04
N ASN C 29 8.56 6.38 26.89
CA ASN C 29 7.69 7.45 26.40
C ASN C 29 6.50 6.97 25.59
N VAL C 30 5.51 7.85 25.49
CA VAL C 30 4.38 7.75 24.58
C VAL C 30 4.47 8.97 23.66
N ALA C 31 4.06 8.82 22.38
CA ALA C 31 4.09 9.94 21.48
C ALA C 31 2.99 9.83 20.49
N ARG C 32 2.44 10.97 20.05
CA ARG C 32 1.36 10.98 19.05
C ARG C 32 1.58 12.10 18.05
N TYR C 33 1.37 11.78 16.78
CA TYR C 33 1.51 12.75 15.70
C TYR C 33 0.35 13.74 15.70
N PHE C 34 0.64 15.05 15.58
CA PHE C 34 -0.36 16.12 15.52
C PHE C 34 -1.34 15.96 14.36
N GLY C 35 -0.89 15.39 13.24
CA GLY C 35 -1.72 15.22 12.07
C GLY C 35 -1.30 16.19 10.98
N LYS C 36 -0.57 17.25 11.40
CA LYS C 36 0.01 18.30 10.58
C LYS C 36 1.07 19.03 11.38
N LYS C 37 2.07 19.58 10.69
CA LYS C 37 3.17 20.35 11.27
C LYS C 37 2.64 21.70 11.76
N ARG C 38 2.96 22.05 13.00
CA ARG C 38 2.58 23.32 13.62
C ARG C 38 3.49 24.40 13.05
N GLU C 39 2.89 25.41 12.39
CA GLU C 39 3.63 26.49 11.71
C GLU C 39 4.52 27.33 12.63
N GLU C 40 4.03 27.65 13.85
CA GLU C 40 4.72 28.46 14.86
C GLU C 40 6.15 27.97 15.20
N ASP C 41 6.36 26.65 15.34
CA ASP C 41 7.67 26.10 15.74
C ASP C 41 8.14 24.89 14.94
N GLY C 42 7.30 24.40 14.03
CA GLY C 42 7.59 23.21 13.23
C GLY C 42 7.43 21.90 13.98
N HIS C 43 6.78 21.94 15.17
CA HIS C 43 6.57 20.75 16.00
C HIS C 43 5.51 19.88 15.37
N THR C 44 5.75 18.56 15.37
CA THR C 44 4.87 17.58 14.75
C THR C 44 4.25 16.59 15.72
N HIS C 45 4.86 16.38 16.89
CA HIS C 45 4.39 15.40 17.86
C HIS C 45 4.31 15.93 19.26
N GLN C 46 3.40 15.33 20.04
CA GLN C 46 3.32 15.54 21.47
C GLN C 46 3.79 14.25 22.09
N TRP C 47 4.64 14.34 23.10
CA TRP C 47 5.18 13.18 23.79
C TRP C 47 5.23 13.36 25.29
N THR C 48 5.30 12.22 26.00
CA THR C 48 5.40 12.17 27.44
C THR C 48 6.41 11.15 27.82
N VAL C 49 7.45 11.58 28.52
CA VAL C 49 8.51 10.72 29.03
C VAL C 49 8.19 10.45 30.49
N TYR C 50 8.39 9.23 30.98
CA TYR C 50 8.01 8.83 32.31
C TYR C 50 8.87 7.76 32.95
N VAL C 51 8.77 7.64 34.28
CA VAL C 51 9.29 6.58 35.14
C VAL C 51 8.13 6.17 36.06
N LYS C 52 7.76 4.89 36.06
CA LYS C 52 6.68 4.41 36.94
C LYS C 52 7.09 3.11 37.64
N PRO C 53 6.52 2.75 38.83
CA PRO C 53 6.85 1.45 39.40
C PRO C 53 6.21 0.35 38.52
N TYR C 54 6.81 -0.84 38.42
CA TYR C 54 6.29 -1.96 37.66
C TYR C 54 4.87 -2.32 38.14
N ARG C 55 4.64 -2.36 39.47
CA ARG C 55 3.29 -2.52 39.95
C ARG C 55 3.04 -1.35 40.88
N ASN C 56 1.77 -1.06 41.14
CA ASN C 56 1.38 0.11 41.89
C ASN C 56 1.93 0.21 43.30
N GLU C 57 2.64 1.34 43.48
CA GLU C 57 3.12 1.82 44.75
C GLU C 57 3.54 3.28 44.70
N ASP C 58 3.56 3.91 45.90
CA ASP C 58 4.05 5.26 46.01
C ASP C 58 5.59 5.24 46.11
N MET C 59 6.24 5.61 44.98
CA MET C 59 7.70 5.68 44.88
C MET C 59 8.26 6.83 45.70
N SER C 60 7.47 7.89 45.95
CA SER C 60 7.92 9.07 46.71
C SER C 60 8.33 8.76 48.18
N ALA C 61 8.01 7.53 48.63
CA ALA C 61 8.43 7.02 49.93
C ALA C 61 9.99 6.81 49.92
N TYR C 62 10.56 6.50 48.75
CA TYR C 62 11.99 6.25 48.63
C TYR C 62 12.69 7.12 47.56
N VAL C 63 11.95 7.70 46.59
CA VAL C 63 12.49 8.59 45.55
C VAL C 63 12.28 10.04 45.97
N LYS C 64 13.39 10.81 46.02
CA LYS C 64 13.43 12.25 46.36
C LYS C 64 12.98 13.10 45.15
N LYS C 65 13.53 12.78 43.95
CA LYS C 65 13.25 13.47 42.70
C LYS C 65 13.77 12.70 41.53
N ILE C 66 13.16 12.93 40.35
CA ILE C 66 13.58 12.34 39.09
C ILE C 66 13.83 13.47 38.12
N GLN C 67 15.03 13.48 37.56
CA GLN C 67 15.53 14.49 36.66
C GLN C 67 15.52 13.96 35.27
N PHE C 68 14.93 14.69 34.31
CA PHE C 68 14.88 14.29 32.91
C PHE C 68 15.64 15.30 32.09
N LYS C 69 16.83 14.92 31.56
CA LYS C 69 17.60 15.85 30.77
C LYS C 69 17.21 15.75 29.30
N LEU C 70 16.56 16.79 28.81
CA LEU C 70 16.07 16.89 27.43
C LEU C 70 17.12 17.46 26.48
N HIS C 71 16.76 17.51 25.20
CA HIS C 71 17.62 18.02 24.14
C HIS C 71 17.83 19.51 24.35
N GLU C 72 19.00 20.02 23.92
CA GLU C 72 19.46 21.41 24.02
C GLU C 72 18.51 22.41 23.38
N SER C 73 17.69 21.97 22.37
CA SER C 73 16.71 22.81 21.70
C SER C 73 15.54 23.24 22.62
N TYR C 74 15.31 22.47 23.73
CA TYR C 74 14.28 22.78 24.72
C TYR C 74 14.78 23.79 25.72
N GLY C 75 13.88 24.65 26.17
CA GLY C 75 14.18 25.61 27.21
C GLY C 75 14.23 24.87 28.53
N ASN C 76 15.22 25.21 29.40
CA ASN C 76 15.44 24.56 30.71
C ASN C 76 15.48 23.03 30.49
N PRO C 77 16.44 22.53 29.67
CA PRO C 77 16.45 21.10 29.34
C PRO C 77 16.57 20.16 30.55
N LEU C 78 17.04 20.65 31.70
CA LEU C 78 17.10 19.80 32.88
C LEU C 78 15.80 19.95 33.65
N ARG C 79 14.87 19.03 33.42
CA ARG C 79 13.54 19.06 34.05
C ARG C 79 13.51 18.19 35.29
N VAL C 80 12.96 18.70 36.40
CA VAL C 80 12.93 17.96 37.65
C VAL C 80 11.50 17.74 38.14
N VAL C 81 11.16 16.49 38.51
CA VAL C 81 9.87 16.08 39.06
C VAL C 81 10.12 15.54 40.45
N THR C 82 9.50 16.15 41.44
CA THR C 82 9.65 15.85 42.88
C THR C 82 8.53 14.97 43.47
N LYS C 83 7.34 15.00 42.86
CA LYS C 83 6.22 14.17 43.30
C LYS C 83 5.63 13.38 42.13
N PRO C 84 5.08 12.16 42.39
CA PRO C 84 4.48 11.38 41.30
C PRO C 84 3.26 12.10 40.68
N PRO C 85 2.93 11.86 39.39
CA PRO C 85 3.60 10.96 38.41
C PRO C 85 4.92 11.54 37.93
N TYR C 86 5.94 10.68 37.72
CA TYR C 86 7.25 11.15 37.29
C TYR C 86 7.24 11.23 35.80
N GLU C 87 6.66 12.31 35.26
CA GLU C 87 6.44 12.52 33.82
C GLU C 87 6.81 13.90 33.39
N ILE C 88 7.19 14.03 32.10
CA ILE C 88 7.45 15.30 31.41
C ILE C 88 6.74 15.23 30.10
N THR C 89 5.83 16.17 29.84
CA THR C 89 5.10 16.24 28.59
C THR C 89 5.62 17.42 27.84
N GLU C 90 5.92 17.19 26.56
CA GLU C 90 6.42 18.21 25.67
C GLU C 90 5.94 17.96 24.26
N THR C 91 6.28 18.90 23.37
CA THR C 91 6.04 18.82 21.93
C THR C 91 7.41 18.87 21.27
N GLY C 92 7.50 18.41 20.04
CA GLY C 92 8.76 18.40 19.32
C GLY C 92 8.64 17.88 17.90
N TRP C 93 9.78 17.71 17.22
CA TRP C 93 9.80 17.24 15.84
C TRP C 93 10.78 16.10 15.60
N GLY C 94 11.72 15.89 16.53
CA GLY C 94 12.76 14.87 16.37
C GLY C 94 13.00 14.00 17.59
N GLU C 95 13.64 12.86 17.36
CA GLU C 95 14.00 11.87 18.39
C GLU C 95 15.37 12.23 18.95
N PHE C 96 15.57 11.98 20.23
CA PHE C 96 16.83 12.26 20.92
C PHE C 96 16.95 11.39 22.17
N GLU C 97 18.15 11.34 22.79
CA GLU C 97 18.38 10.61 24.02
C GLU C 97 18.04 11.50 25.21
N ILE C 98 17.29 10.93 26.15
CA ILE C 98 16.96 11.58 27.40
C ILE C 98 17.75 10.87 28.48
N ILE C 99 18.46 11.65 29.31
CA ILE C 99 19.19 11.11 30.45
C ILE C 99 18.29 11.31 31.69
N ILE C 100 17.83 10.18 32.27
CA ILE C 100 16.96 10.15 33.44
C ILE C 100 17.79 9.83 34.65
N LYS C 101 17.74 10.69 35.65
CA LYS C 101 18.51 10.50 36.90
C LYS C 101 17.55 10.46 38.10
N ILE C 102 17.55 9.32 38.79
CA ILE C 102 16.69 9.07 39.96
C ILE C 102 17.47 9.30 41.26
N PHE C 103 16.99 10.22 42.08
CA PHE C 103 17.58 10.58 43.36
C PHE C 103 16.82 10.00 44.52
N PHE C 104 17.52 9.41 45.51
CA PHE C 104 16.86 8.77 46.65
C PHE C 104 16.83 9.60 47.93
N ILE C 105 15.84 9.32 48.78
CA ILE C 105 15.59 9.97 50.06
C ILE C 105 16.81 9.70 51.00
N ASP C 106 17.28 8.44 51.00
CA ASP C 106 18.42 7.98 51.80
C ASP C 106 19.68 8.53 51.16
N PRO C 107 20.46 9.34 51.93
CA PRO C 107 21.70 9.91 51.39
C PRO C 107 22.80 8.89 51.08
N ASN C 108 22.68 7.68 51.67
CA ASN C 108 23.59 6.57 51.45
C ASN C 108 23.36 5.97 50.06
N GLU C 109 22.23 6.25 49.43
CA GLU C 109 21.88 5.69 48.13
C GLU C 109 22.28 6.61 46.95
N ARG C 110 23.37 6.27 46.21
CA ARG C 110 23.79 7.08 45.08
C ARG C 110 22.74 6.98 43.93
N PRO C 111 22.53 8.07 43.16
CA PRO C 111 21.48 8.12 42.10
C PRO C 111 21.60 7.10 40.99
N VAL C 112 20.45 6.72 40.42
CA VAL C 112 20.37 5.79 39.31
C VAL C 112 20.22 6.57 38.02
N THR C 113 21.09 6.28 37.04
CA THR C 113 21.03 6.91 35.71
C THR C 113 20.49 5.96 34.63
N LEU C 114 19.46 6.38 33.94
CA LEU C 114 18.84 5.65 32.84
C LEU C 114 18.96 6.46 31.56
N TYR C 115 19.06 5.79 30.45
CA TYR C 115 19.18 6.44 29.16
C TYR C 115 18.05 5.94 28.30
N HIS C 116 17.26 6.87 27.75
CA HIS C 116 16.12 6.50 26.94
C HIS C 116 16.10 7.28 25.66
N LEU C 117 15.98 6.57 24.53
CA LEU C 117 15.87 7.22 23.24
C LEU C 117 14.41 7.53 22.99
N LEU C 118 14.08 8.82 22.94
CA LEU C 118 12.70 9.24 22.76
C LEU C 118 12.18 8.87 21.40
N LYS C 119 11.13 8.02 21.33
CA LYS C 119 10.54 7.54 20.06
C LYS C 119 9.30 8.33 19.65
N LEU C 120 9.31 8.87 18.41
CA LEU C 120 8.20 9.66 17.88
C LEU C 120 7.56 8.97 16.69
N PHE C 121 8.39 8.40 15.81
CA PHE C 121 7.97 7.76 14.58
C PHE C 121 7.76 6.28 14.74
N GLN C 122 6.63 5.87 14.22
CA GLN C 122 6.08 4.54 14.24
C GLN C 122 6.83 3.64 13.28
N SER C 123 7.13 2.39 13.68
CA SER C 123 7.75 1.39 12.78
C SER C 123 6.77 1.12 11.63
N ASP C 124 7.27 0.72 10.44
CA ASP C 124 6.42 0.44 9.26
C ASP C 124 5.34 -0.62 9.54
N THR C 125 5.69 -1.62 10.39
CA THR C 125 4.82 -2.72 10.85
C THR C 125 3.63 -2.13 11.61
N ASN C 126 3.90 -1.37 12.68
CA ASN C 126 2.85 -0.76 13.49
C ASN C 126 2.07 0.32 12.74
N ALA C 127 2.71 1.00 11.75
CA ALA C 127 2.07 2.00 10.91
C ALA C 127 1.03 1.31 10.04
N MET C 128 1.38 0.12 9.50
CA MET C 128 0.49 -0.70 8.68
C MET C 128 -0.67 -1.31 9.49
N LEU C 129 -0.40 -1.66 10.76
CA LEU C 129 -1.38 -2.21 11.69
C LEU C 129 -2.39 -1.13 12.13
N GLY C 130 -2.19 0.11 11.67
CA GLY C 130 -3.04 1.26 11.95
C GLY C 130 -2.92 1.84 13.35
N LYS C 131 -1.83 1.51 14.08
CA LYS C 131 -1.57 1.99 15.45
C LYS C 131 -1.31 3.50 15.46
N LYS C 132 -2.09 4.24 16.30
CA LYS C 132 -2.07 5.70 16.40
C LYS C 132 -0.92 6.27 17.24
N THR C 133 -0.70 5.69 18.44
CA THR C 133 0.33 6.19 19.34
C THR C 133 1.53 5.26 19.42
N VAL C 134 2.69 5.88 19.53
CA VAL C 134 3.97 5.19 19.65
C VAL C 134 4.22 5.03 21.17
N VAL C 135 4.70 3.86 21.57
CA VAL C 135 5.03 3.53 22.95
C VAL C 135 6.37 2.84 22.91
N SER C 136 7.33 3.38 23.66
CA SER C 136 8.66 2.79 23.81
C SER C 136 8.92 2.74 25.32
N GLU C 137 8.76 1.57 25.89
CA GLU C 137 8.87 1.35 27.33
C GLU C 137 9.87 0.26 27.62
N PHE C 138 10.60 0.39 28.72
CA PHE C 138 11.64 -0.55 29.14
C PHE C 138 11.54 -0.83 30.60
N TYR C 139 11.93 -2.05 31.00
CA TYR C 139 11.87 -2.45 32.39
C TYR C 139 13.26 -2.37 32.99
N ASP C 140 13.36 -1.93 34.23
CA ASP C 140 14.60 -1.90 34.95
C ASP C 140 14.33 -2.07 36.44
N GLU C 141 15.40 -2.26 37.22
CA GLU C 141 15.29 -2.50 38.65
C GLU C 141 16.22 -1.56 39.38
N MET C 142 15.72 -0.92 40.44
CA MET C 142 16.55 -0.08 41.32
C MET C 142 16.93 -0.93 42.52
N ILE C 143 18.24 -1.10 42.74
CA ILE C 143 18.79 -1.95 43.81
C ILE C 143 19.31 -1.12 44.98
N PHE C 144 18.82 -1.45 46.19
CA PHE C 144 19.15 -0.83 47.48
C PHE C 144 19.80 -1.84 48.43
N GLN C 145 20.63 -1.36 49.40
CA GLN C 145 21.24 -2.20 50.42
C GLN C 145 20.19 -2.61 51.49
N ASP C 146 20.47 -3.68 52.28
CA ASP C 146 19.55 -4.23 53.29
C ASP C 146 19.62 -3.50 54.68
N PRO C 147 18.45 -2.91 55.06
CA PRO C 147 18.29 -2.15 56.33
C PRO C 147 19.00 -2.62 57.63
N THR C 148 19.28 -3.93 57.75
CA THR C 148 19.94 -4.49 58.93
C THR C 148 21.18 -5.31 58.53
N THR D 20 20.53 20.63 -9.04
CA THR D 20 20.96 20.00 -7.79
C THR D 20 21.60 18.61 -8.03
N ILE D 21 22.56 18.25 -7.18
CA ILE D 21 23.28 16.97 -7.22
C ILE D 21 23.07 16.22 -5.90
N VAL D 22 22.57 14.98 -6.00
CA VAL D 22 22.30 14.10 -4.87
C VAL D 22 23.29 12.95 -4.92
N LYS D 23 23.97 12.74 -3.82
CA LYS D 23 24.96 11.70 -3.67
C LYS D 23 24.52 10.74 -2.58
N PRO D 24 23.94 9.58 -2.92
CA PRO D 24 23.54 8.62 -1.90
C PRO D 24 24.75 8.02 -1.17
N ILE D 25 24.56 7.71 0.10
CA ILE D 25 25.60 7.17 0.97
C ILE D 25 24.99 6.13 1.88
N VAL D 26 25.86 5.35 2.52
CA VAL D 26 25.50 4.43 3.57
C VAL D 26 26.44 4.69 4.72
N TYR D 27 25.89 4.74 5.92
CA TYR D 27 26.67 4.98 7.13
C TYR D 27 26.18 4.05 8.22
N GLY D 28 27.02 3.88 9.21
CA GLY D 28 26.67 3.01 10.33
C GLY D 28 27.87 2.35 10.93
N ASN D 29 27.68 1.14 11.48
CA ASN D 29 28.80 0.46 12.12
C ASN D 29 28.76 -1.02 12.03
N VAL D 30 29.92 -1.63 12.25
CA VAL D 30 30.10 -3.05 12.44
C VAL D 30 30.64 -3.26 13.85
N ALA D 31 30.27 -4.33 14.55
CA ALA D 31 30.80 -4.57 15.88
C ALA D 31 30.94 -6.05 16.12
N ARG D 32 31.94 -6.47 16.91
CA ARG D 32 32.12 -7.87 17.25
C ARG D 32 32.48 -8.02 18.71
N TYR D 33 31.81 -8.96 19.40
CA TYR D 33 32.06 -9.28 20.81
C TYR D 33 33.39 -10.00 20.95
N PHE D 34 34.20 -9.56 21.92
CA PHE D 34 35.50 -10.17 22.22
C PHE D 34 35.41 -11.65 22.62
N GLY D 35 34.31 -12.07 23.25
CA GLY D 35 34.14 -13.43 23.75
C GLY D 35 34.23 -13.47 25.26
N LYS D 36 34.85 -12.43 25.83
CA LYS D 36 35.01 -12.17 27.26
C LYS D 36 35.38 -10.69 27.47
N LYS D 37 35.00 -10.15 28.62
CA LYS D 37 35.28 -8.77 29.02
C LYS D 37 36.80 -8.64 29.26
N ARG D 38 37.43 -7.62 28.67
CA ARG D 38 38.85 -7.36 28.83
C ARG D 38 39.07 -6.72 30.19
N GLU D 39 39.84 -7.36 31.07
CA GLU D 39 40.04 -6.87 32.44
C GLU D 39 40.73 -5.50 32.53
N GLU D 40 41.68 -5.21 31.61
CA GLU D 40 42.42 -3.94 31.58
C GLU D 40 41.52 -2.67 31.55
N ASP D 41 40.41 -2.68 30.79
CA ASP D 41 39.54 -1.51 30.66
C ASP D 41 38.03 -1.80 30.71
N GLY D 42 37.66 -3.07 30.80
CA GLY D 42 36.28 -3.51 30.84
C GLY D 42 35.60 -3.53 29.48
N HIS D 43 36.40 -3.36 28.39
CA HIS D 43 35.90 -3.34 27.01
C HIS D 43 35.48 -4.71 26.58
N THR D 44 34.36 -4.80 25.88
CA THR D 44 33.80 -6.07 25.46
C THR D 44 33.72 -6.21 23.98
N HIS D 45 33.80 -5.09 23.23
CA HIS D 45 33.60 -5.17 21.79
C HIS D 45 34.52 -4.30 21.07
N GLN D 46 34.83 -4.71 19.80
CA GLN D 46 35.55 -3.91 18.84
C GLN D 46 34.52 -3.48 17.82
N TRP D 47 34.53 -2.21 17.43
CA TRP D 47 33.60 -1.69 16.46
C TRP D 47 34.23 -0.73 15.49
N THR D 48 33.60 -0.55 14.34
CA THR D 48 34.04 0.39 13.32
C THR D 48 32.84 1.14 12.79
N VAL D 49 32.91 2.46 12.92
CA VAL D 49 31.88 3.36 12.39
C VAL D 49 32.39 3.87 11.07
N TYR D 50 31.50 4.00 10.09
CA TYR D 50 31.88 4.39 8.73
C TYR D 50 30.85 5.21 7.97
N VAL D 51 31.33 5.83 6.89
CA VAL D 51 30.51 6.47 5.85
C VAL D 51 31.07 5.98 4.52
N LYS D 52 30.22 5.43 3.64
CA LYS D 52 30.64 4.98 2.31
C LYS D 52 29.66 5.43 1.23
N PRO D 53 30.07 5.60 -0.04
CA PRO D 53 29.07 5.90 -1.08
C PRO D 53 28.23 4.65 -1.36
N TYR D 54 26.96 4.83 -1.73
CA TYR D 54 26.03 3.72 -2.00
C TYR D 54 26.54 2.82 -3.10
N ARG D 55 26.84 3.44 -4.28
CA ARG D 55 27.47 2.82 -5.44
C ARG D 55 28.91 3.33 -5.38
N ASN D 56 29.89 2.41 -5.57
CA ASN D 56 31.28 2.79 -5.40
C ASN D 56 31.72 3.93 -6.30
N GLU D 57 32.33 4.90 -5.65
CA GLU D 57 32.87 6.09 -6.28
C GLU D 57 33.84 6.76 -5.34
N ASP D 58 34.69 7.62 -5.92
CA ASP D 58 35.63 8.33 -5.09
C ASP D 58 34.96 9.53 -4.45
N MET D 59 34.62 9.41 -3.14
CA MET D 59 33.99 10.48 -2.40
C MET D 59 34.95 11.62 -2.16
N SER D 60 36.26 11.34 -2.07
CA SER D 60 37.28 12.35 -1.80
C SER D 60 37.33 13.47 -2.85
N ALA D 61 36.67 13.28 -4.00
CA ALA D 61 36.53 14.25 -5.07
C ALA D 61 35.66 15.42 -4.56
N TYR D 62 34.70 15.15 -3.67
CA TYR D 62 33.80 16.16 -3.13
C TYR D 62 33.82 16.28 -1.59
N VAL D 63 34.32 15.26 -0.85
CA VAL D 63 34.41 15.26 0.62
C VAL D 63 35.84 15.64 1.06
N LYS D 64 35.95 16.68 1.89
CA LYS D 64 37.22 17.19 2.44
C LYS D 64 37.64 16.36 3.64
N LYS D 65 36.73 16.12 4.56
CA LYS D 65 36.95 15.33 5.76
C LYS D 65 35.59 14.94 6.39
N ILE D 66 35.63 13.83 7.15
CA ILE D 66 34.48 13.36 7.91
C ILE D 66 34.93 13.25 9.35
N GLN D 67 34.19 13.94 10.21
CA GLN D 67 34.41 14.04 11.64
C GLN D 67 33.45 13.12 12.38
N PHE D 68 33.94 12.29 13.29
CA PHE D 68 33.12 11.36 14.04
C PHE D 68 33.27 11.73 15.50
N LYS D 69 32.21 12.28 16.10
CA LYS D 69 32.25 12.68 17.51
C LYS D 69 31.80 11.50 18.38
N LEU D 70 32.73 10.94 19.11
CA LEU D 70 32.50 9.78 19.98
C LEU D 70 32.06 10.20 21.39
N HIS D 71 31.80 9.21 22.23
CA HIS D 71 31.39 9.44 23.62
C HIS D 71 32.54 10.10 24.45
N GLU D 72 32.19 10.87 25.48
CA GLU D 72 33.10 11.55 26.40
C GLU D 72 34.15 10.62 27.04
N SER D 73 33.79 9.33 27.23
CA SER D 73 34.68 8.33 27.82
C SER D 73 35.91 8.04 26.96
N TYR D 74 35.84 8.36 25.66
CA TYR D 74 36.95 8.14 24.72
C TYR D 74 37.88 9.33 24.72
N GLY D 75 39.18 9.07 24.66
CA GLY D 75 40.20 10.13 24.54
C GLY D 75 40.10 10.70 23.13
N ASN D 76 40.26 12.05 23.01
CA ASN D 76 40.13 12.79 21.74
C ASN D 76 38.80 12.37 21.09
N PRO D 77 37.63 12.60 21.73
CA PRO D 77 36.36 12.12 21.16
C PRO D 77 36.04 12.66 19.78
N LEU D 78 36.66 13.77 19.36
CA LEU D 78 36.44 14.30 18.02
C LEU D 78 37.48 13.71 17.07
N ARG D 79 37.11 12.64 16.37
CA ARG D 79 38.00 11.95 15.43
C ARG D 79 37.77 12.42 14.01
N VAL D 80 38.83 12.68 13.26
CA VAL D 80 38.70 13.19 11.90
C VAL D 80 39.40 12.30 10.87
N VAL D 81 38.70 11.98 9.76
CA VAL D 81 39.20 11.17 8.65
C VAL D 81 39.18 12.04 7.40
N THR D 82 40.36 12.20 6.77
CA THR D 82 40.59 13.07 5.61
C THR D 82 40.63 12.34 4.24
N LYS D 83 40.93 11.06 4.26
CA LYS D 83 41.02 10.26 3.03
C LYS D 83 40.24 8.97 3.19
N PRO D 84 39.65 8.39 2.10
CA PRO D 84 38.93 7.12 2.24
C PRO D 84 39.85 5.96 2.69
N PRO D 85 39.36 4.95 3.44
CA PRO D 85 37.97 4.73 3.88
C PRO D 85 37.61 5.65 5.02
N TYR D 86 36.38 6.17 5.05
CA TYR D 86 35.97 7.07 6.12
C TYR D 86 35.47 6.22 7.28
N GLU D 87 36.41 5.68 8.06
CA GLU D 87 36.16 4.76 9.19
C GLU D 87 36.87 5.14 10.44
N ILE D 88 36.30 4.75 11.61
CA ILE D 88 36.92 4.89 12.93
C ILE D 88 36.73 3.59 13.65
N THR D 89 37.83 2.95 14.07
CA THR D 89 37.82 1.70 14.77
C THR D 89 38.20 1.95 16.19
N GLU D 90 37.38 1.42 17.10
CA GLU D 90 37.58 1.53 18.53
C GLU D 90 37.09 0.30 19.25
N THR D 91 37.28 0.27 20.54
CA THR D 91 36.78 -0.77 21.41
C THR D 91 35.96 -0.08 22.50
N GLY D 92 35.04 -0.80 23.10
CA GLY D 92 34.21 -0.24 24.16
C GLY D 92 33.34 -1.29 24.78
N TRP D 93 32.43 -0.83 25.65
CA TRP D 93 31.52 -1.67 26.42
C TRP D 93 30.02 -1.30 26.31
N GLY D 94 29.75 -0.08 25.85
CA GLY D 94 28.39 0.42 25.74
C GLY D 94 28.06 1.10 24.43
N GLU D 95 26.73 1.22 24.14
CA GLU D 95 26.19 1.85 22.95
C GLU D 95 25.99 3.31 23.22
N PHE D 96 26.20 4.14 22.21
CA PHE D 96 26.06 5.58 22.29
C PHE D 96 25.80 6.15 20.91
N GLU D 97 25.42 7.42 20.84
CA GLU D 97 25.19 8.13 19.61
C GLU D 97 26.49 8.74 19.12
N ILE D 98 26.78 8.60 17.84
CA ILE D 98 27.94 9.20 17.21
C ILE D 98 27.40 10.29 16.33
N ILE D 99 27.97 11.49 16.46
CA ILE D 99 27.58 12.59 15.59
C ILE D 99 28.65 12.63 14.45
N ILE D 100 28.22 12.35 13.21
CA ILE D 100 29.05 12.35 12.03
C ILE D 100 28.85 13.65 11.28
N LYS D 101 29.93 14.40 11.05
CA LYS D 101 29.87 15.68 10.33
C LYS D 101 30.73 15.58 9.07
N ILE D 102 30.09 15.73 7.92
CA ILE D 102 30.71 15.63 6.60
C ILE D 102 31.04 17.03 6.07
N PHE D 103 32.32 17.28 5.81
CA PHE D 103 32.79 18.56 5.30
C PHE D 103 33.14 18.41 3.83
N PHE D 104 32.71 19.38 3.03
CA PHE D 104 32.93 19.34 1.58
C PHE D 104 34.10 20.18 1.12
N ILE D 105 34.63 19.83 -0.05
CA ILE D 105 35.76 20.47 -0.71
C ILE D 105 35.38 21.92 -1.01
N ASP D 106 34.14 22.11 -1.54
CA ASP D 106 33.61 23.43 -1.83
C ASP D 106 33.28 24.12 -0.51
N PRO D 107 33.94 25.25 -0.19
CA PRO D 107 33.65 25.92 1.10
C PRO D 107 32.24 26.52 1.17
N ASN D 108 31.58 26.70 0.00
CA ASN D 108 30.22 27.21 -0.14
C ASN D 108 29.20 26.15 0.27
N GLU D 109 29.63 24.88 0.39
CA GLU D 109 28.76 23.78 0.80
C GLU D 109 28.81 23.54 2.31
N ARG D 110 27.71 23.85 2.98
CA ARG D 110 27.52 23.67 4.41
C ARG D 110 27.68 22.17 4.79
N PRO D 111 28.32 21.85 5.94
CA PRO D 111 28.52 20.44 6.32
C PRO D 111 27.24 19.68 6.60
N VAL D 112 27.27 18.37 6.37
CA VAL D 112 26.13 17.49 6.61
C VAL D 112 26.32 16.83 7.96
N THR D 113 25.30 16.87 8.81
CA THR D 113 25.37 16.23 10.11
C THR D 113 24.46 15.00 10.16
N LEU D 114 25.05 13.84 10.47
CA LEU D 114 24.33 12.57 10.61
C LEU D 114 24.49 12.12 12.04
N TYR D 115 23.50 11.36 12.51
CA TYR D 115 23.48 10.85 13.86
C TYR D 115 23.34 9.35 13.74
N HIS D 116 24.27 8.61 14.35
CA HIS D 116 24.21 7.15 14.31
C HIS D 116 24.36 6.54 15.69
N LEU D 117 23.39 5.68 16.07
CA LEU D 117 23.45 5.01 17.34
C LEU D 117 24.30 3.76 17.17
N LEU D 118 25.51 3.78 17.75
CA LEU D 118 26.40 2.65 17.75
C LEU D 118 25.68 1.40 18.24
N LYS D 119 25.69 0.33 17.44
CA LYS D 119 25.08 -0.95 17.83
C LYS D 119 26.20 -1.98 18.12
N LEU D 120 26.19 -2.55 19.34
CA LEU D 120 27.13 -3.54 19.81
C LEU D 120 26.50 -4.88 20.05
N PHE D 121 25.28 -4.90 20.61
CA PHE D 121 24.61 -6.13 21.01
C PHE D 121 23.67 -6.63 19.95
N GLN D 122 23.80 -7.92 19.60
CA GLN D 122 23.03 -8.52 18.54
C GLN D 122 21.69 -9.03 18.97
N SER D 123 20.74 -9.02 18.00
CA SER D 123 19.38 -9.50 18.16
C SER D 123 19.38 -11.04 18.32
N ASP D 124 18.40 -11.58 19.05
CA ASP D 124 18.26 -13.02 19.26
C ASP D 124 18.14 -13.79 17.94
N THR D 125 17.47 -13.18 16.93
CA THR D 125 17.29 -13.72 15.57
C THR D 125 18.64 -13.97 14.92
N ASN D 126 19.48 -12.93 14.83
CA ASN D 126 20.80 -13.02 14.23
C ASN D 126 21.75 -13.88 15.05
N ALA D 127 21.57 -13.89 16.39
CA ALA D 127 22.37 -14.75 17.27
C ALA D 127 22.07 -16.23 16.95
N MET D 128 20.77 -16.56 16.72
CA MET D 128 20.34 -17.90 16.35
C MET D 128 20.79 -18.31 14.94
N LEU D 129 20.88 -17.33 14.02
CA LEU D 129 21.34 -17.54 12.64
C LEU D 129 22.87 -17.79 12.59
N GLY D 130 23.51 -17.69 13.76
CA GLY D 130 24.95 -17.93 13.92
C GLY D 130 25.84 -16.79 13.44
N LYS D 131 25.27 -15.60 13.22
CA LYS D 131 26.00 -14.40 12.77
C LYS D 131 26.93 -13.90 13.91
N LYS D 132 28.23 -13.73 13.58
CA LYS D 132 29.24 -13.31 14.55
C LYS D 132 29.31 -11.80 14.76
N THR D 133 29.19 -11.01 13.67
CA THR D 133 29.30 -9.56 13.74
C THR D 133 27.95 -8.86 13.59
N VAL D 134 27.80 -7.77 14.32
CA VAL D 134 26.62 -6.92 14.33
C VAL D 134 26.88 -5.87 13.24
N VAL D 135 25.85 -5.56 12.44
CA VAL D 135 25.92 -4.56 11.38
C VAL D 135 24.69 -3.69 11.52
N SER D 136 24.90 -2.38 11.66
CA SER D 136 23.79 -1.41 11.70
C SER D 136 24.14 -0.33 10.67
N GLU D 137 23.50 -0.39 9.52
CA GLU D 137 23.77 0.50 8.42
C GLU D 137 22.50 1.19 7.96
N PHE D 138 22.64 2.46 7.56
CA PHE D 138 21.54 3.28 7.10
C PHE D 138 21.86 3.97 5.80
N TYR D 139 20.86 4.27 5.02
CA TYR D 139 20.98 4.94 3.74
C TYR D 139 20.59 6.39 3.91
N ASP D 140 21.31 7.28 3.26
CA ASP D 140 21.01 8.70 3.25
C ASP D 140 21.49 9.30 1.96
N GLU D 141 21.09 10.55 1.70
CA GLU D 141 21.45 11.28 0.50
C GLU D 141 22.03 12.63 0.87
N MET D 142 23.21 12.95 0.33
CA MET D 142 23.83 14.26 0.54
C MET D 142 23.47 15.11 -0.67
N ILE D 143 22.91 16.30 -0.42
CA ILE D 143 22.45 17.21 -1.48
C ILE D 143 23.37 18.44 -1.67
N PHE D 144 23.64 18.81 -2.97
CA PHE D 144 24.42 19.98 -3.42
C PHE D 144 23.61 20.91 -4.33
N VAL E 19 6.07 -18.94 60.06
CA VAL E 19 7.05 -19.16 58.99
C VAL E 19 6.36 -19.78 57.76
N THR E 20 5.49 -18.99 57.09
CA THR E 20 4.68 -19.35 55.91
C THR E 20 4.42 -18.09 55.04
N ILE E 21 5.45 -17.65 54.27
CA ILE E 21 5.44 -16.45 53.43
C ILE E 21 4.49 -16.57 52.25
N VAL E 22 3.59 -15.58 52.10
CA VAL E 22 2.60 -15.55 51.02
C VAL E 22 2.93 -14.42 50.07
N LYS E 23 3.08 -14.76 48.79
CA LYS E 23 3.41 -13.80 47.76
C LYS E 23 2.28 -13.75 46.75
N PRO E 24 1.39 -12.71 46.83
CA PRO E 24 0.27 -12.63 45.89
C PRO E 24 0.78 -12.33 44.51
N ILE E 25 0.19 -12.97 43.49
CA ILE E 25 0.58 -12.85 42.09
C ILE E 25 -0.62 -12.65 41.18
N VAL E 26 -0.34 -12.04 40.01
CA VAL E 26 -1.36 -11.87 39.01
C VAL E 26 -0.78 -12.43 37.74
N TYR E 27 -1.57 -13.20 37.02
CA TYR E 27 -1.18 -13.77 35.75
C TYR E 27 -2.31 -13.61 34.72
N GLY E 28 -1.97 -13.68 33.46
CA GLY E 28 -2.97 -13.55 32.41
C GLY E 28 -2.40 -12.86 31.21
N ASN E 29 -3.25 -12.07 30.51
CA ASN E 29 -2.80 -11.36 29.31
C ASN E 29 -3.51 -10.04 29.05
N VAL E 30 -2.88 -9.23 28.23
CA VAL E 30 -3.44 -8.02 27.66
C VAL E 30 -3.40 -8.24 26.15
N ALA E 31 -4.41 -7.75 25.44
CA ALA E 31 -4.45 -7.91 23.98
C ALA E 31 -5.06 -6.70 23.36
N ARG E 32 -4.55 -6.27 22.20
CA ARG E 32 -5.12 -5.14 21.48
C ARG E 32 -5.26 -5.46 19.99
N TYR E 33 -6.46 -5.15 19.41
CA TYR E 33 -6.74 -5.35 18.01
C TYR E 33 -5.98 -4.32 17.18
N PHE E 34 -5.29 -4.81 16.12
CA PHE E 34 -4.55 -3.98 15.17
C PHE E 34 -5.44 -2.92 14.49
N GLY E 35 -6.71 -3.25 14.22
CA GLY E 35 -7.62 -2.34 13.53
C GLY E 35 -7.87 -2.82 12.12
N LYS E 36 -6.98 -3.72 11.65
CA LYS E 36 -6.99 -4.38 10.35
C LYS E 36 -6.08 -5.61 10.39
N LYS E 37 -6.41 -6.63 9.58
CA LYS E 37 -5.66 -7.88 9.45
C LYS E 37 -4.37 -7.59 8.69
N ARG E 38 -3.23 -8.02 9.26
CA ARG E 38 -1.91 -7.85 8.68
C ARG E 38 -1.77 -8.85 7.54
N GLU E 39 -1.57 -8.36 6.31
CA GLU E 39 -1.48 -9.17 5.10
C GLU E 39 -0.37 -10.21 5.12
N GLU E 40 0.83 -9.85 5.63
CA GLU E 40 2.00 -10.72 5.69
C GLU E 40 1.74 -12.10 6.39
N ASP E 41 1.00 -12.13 7.51
CA ASP E 41 0.78 -13.38 8.24
C ASP E 41 -0.65 -13.64 8.70
N GLY E 42 -1.55 -12.69 8.47
CA GLY E 42 -2.96 -12.78 8.86
C GLY E 42 -3.20 -12.47 10.33
N HIS E 43 -2.17 -11.94 11.03
CA HIS E 43 -2.24 -11.58 12.43
C HIS E 43 -3.11 -10.35 12.62
N THR E 44 -3.97 -10.38 13.64
CA THR E 44 -4.95 -9.32 13.91
C THR E 44 -4.73 -8.61 15.24
N HIS E 45 -4.04 -9.26 16.20
CA HIS E 45 -3.79 -8.73 17.54
C HIS E 45 -2.38 -8.85 18.00
N GLN E 46 -2.01 -7.95 18.92
CA GLN E 46 -0.76 -8.00 19.66
C GLN E 46 -1.17 -8.29 21.08
N TRP E 47 -0.48 -9.24 21.70
CA TRP E 47 -0.77 -9.64 23.05
C TRP E 47 0.46 -9.83 23.90
N THR E 48 0.26 -9.77 25.22
CA THR E 48 1.29 -9.98 26.20
C THR E 48 0.77 -10.91 27.27
N VAL E 49 1.41 -12.07 27.44
CA VAL E 49 1.09 -13.01 28.52
C VAL E 49 2.10 -12.74 29.63
N TYR E 50 1.66 -12.76 30.89
CA TYR E 50 2.55 -12.42 31.99
C TYR E 50 2.24 -13.11 33.29
N VAL E 51 3.23 -13.07 34.19
CA VAL E 51 3.14 -13.45 35.60
C VAL E 51 3.87 -12.31 36.34
N LYS E 52 3.14 -11.65 37.27
CA LYS E 52 3.74 -10.53 37.97
C LYS E 52 3.43 -10.67 39.43
N PRO E 53 4.23 -10.03 40.31
CA PRO E 53 3.82 -10.01 41.72
C PRO E 53 2.68 -8.99 41.84
N TYR E 54 1.75 -9.18 42.75
CA TYR E 54 0.75 -8.16 42.81
C TYR E 54 1.43 -6.81 43.25
N ARG E 55 2.32 -6.84 44.28
CA ARG E 55 3.02 -5.64 44.75
C ARG E 55 4.27 -5.33 43.93
N ASN E 56 4.88 -4.15 44.11
CA ASN E 56 6.11 -3.76 43.40
C ASN E 56 7.31 -4.41 44.08
N GLU E 57 7.56 -5.67 43.73
CA GLU E 57 8.66 -6.40 44.34
C GLU E 57 9.36 -7.29 43.31
N ASP E 58 10.46 -7.96 43.72
CA ASP E 58 11.31 -8.80 42.89
C ASP E 58 11.12 -10.27 43.17
N MET E 59 10.42 -10.89 42.23
CA MET E 59 10.13 -12.31 42.17
C MET E 59 11.41 -13.18 42.04
N SER E 60 12.45 -12.67 41.29
CA SER E 60 13.70 -13.38 41.00
C SER E 60 14.49 -13.81 42.24
N ALA E 61 14.10 -13.25 43.39
CA ALA E 61 14.68 -13.58 44.69
C ALA E 61 14.35 -15.07 45.02
N TYR E 62 13.12 -15.52 44.66
CA TYR E 62 12.60 -16.86 44.92
C TYR E 62 12.17 -17.65 43.64
N VAL E 63 11.98 -16.98 42.46
CA VAL E 63 11.63 -17.61 41.18
C VAL E 63 12.90 -17.80 40.32
N LYS E 64 13.17 -19.05 39.92
CA LYS E 64 14.31 -19.43 39.10
C LYS E 64 14.01 -19.14 37.60
N LYS E 65 12.81 -19.53 37.12
CA LYS E 65 12.35 -19.34 35.75
C LYS E 65 10.84 -19.57 35.61
N ILE E 66 10.23 -18.95 34.60
CA ILE E 66 8.82 -19.14 34.29
C ILE E 66 8.74 -19.54 32.84
N GLN E 67 8.11 -20.68 32.60
CA GLN E 67 7.94 -21.32 31.29
C GLN E 67 6.52 -21.06 30.79
N PHE E 68 6.39 -20.54 29.56
CA PHE E 68 5.08 -20.26 28.95
C PHE E 68 4.93 -21.14 27.71
N LYS E 69 4.06 -22.16 27.77
CA LYS E 69 3.90 -23.03 26.62
C LYS E 69 2.82 -22.47 25.70
N LEU E 70 3.25 -21.98 24.53
CA LEU E 70 2.39 -21.38 23.52
C LEU E 70 1.90 -22.42 22.52
N HIS E 71 1.07 -21.95 21.60
CA HIS E 71 0.50 -22.78 20.56
C HIS E 71 1.62 -23.21 19.59
N GLU E 72 1.45 -24.39 18.96
CA GLU E 72 2.39 -25.00 18.04
C GLU E 72 2.69 -24.11 16.82
N SER E 73 1.77 -23.17 16.49
CA SER E 73 1.96 -22.27 15.34
C SER E 73 3.09 -21.27 15.59
N TYR E 74 3.42 -21.04 16.87
CA TYR E 74 4.51 -20.14 17.25
C TYR E 74 5.85 -20.84 17.19
N GLY E 75 6.89 -20.13 16.72
CA GLY E 75 8.24 -20.67 16.70
C GLY E 75 8.70 -20.78 18.15
N ASN E 76 9.40 -21.90 18.51
CA ASN E 76 9.87 -22.22 19.87
C ASN E 76 8.68 -22.06 20.86
N PRO E 77 7.62 -22.90 20.73
CA PRO E 77 6.43 -22.72 21.57
C PRO E 77 6.71 -22.71 23.06
N LEU E 78 7.72 -23.47 23.52
CA LEU E 78 8.04 -23.50 24.93
C LEU E 78 8.99 -22.34 25.23
N ARG E 79 8.43 -21.22 25.69
CA ARG E 79 9.19 -20.02 25.98
C ARG E 79 9.59 -20.00 27.43
N VAL E 80 10.89 -19.78 27.67
CA VAL E 80 11.39 -19.73 29.03
C VAL E 80 11.92 -18.32 29.33
N VAL E 81 11.44 -17.74 30.46
CA VAL E 81 11.87 -16.44 30.94
C VAL E 81 12.59 -16.71 32.27
N THR E 82 13.90 -16.38 32.32
CA THR E 82 14.77 -16.59 33.50
C THR E 82 14.96 -15.34 34.39
N LYS E 83 14.71 -14.16 33.82
CA LYS E 83 14.85 -12.89 34.55
C LYS E 83 13.60 -12.02 34.36
N PRO E 84 13.21 -11.21 35.38
CA PRO E 84 12.04 -10.34 35.22
C PRO E 84 12.23 -9.30 34.11
N PRO E 85 11.14 -8.80 33.46
CA PRO E 85 9.73 -9.15 33.70
C PRO E 85 9.38 -10.51 33.12
N TYR E 86 8.50 -11.27 33.77
CA TYR E 86 8.09 -12.59 33.28
C TYR E 86 6.92 -12.40 32.31
N GLU E 87 7.25 -11.94 31.10
CA GLU E 87 6.29 -11.61 30.05
C GLU E 87 6.72 -12.16 28.72
N ILE E 88 5.75 -12.44 27.88
CA ILE E 88 5.99 -12.87 26.52
C ILE E 88 5.03 -12.02 25.66
N THR E 89 5.59 -11.25 24.69
CA THR E 89 4.81 -10.41 23.78
C THR E 89 4.87 -11.02 22.44
N GLU E 90 3.72 -11.20 21.83
CA GLU E 90 3.60 -11.81 20.51
C GLU E 90 2.44 -11.20 19.73
N THR E 91 2.26 -11.65 18.50
CA THR E 91 1.13 -11.28 17.66
C THR E 91 0.48 -12.56 17.20
N GLY E 92 -0.82 -12.48 16.91
CA GLY E 92 -1.56 -13.66 16.49
C GLY E 92 -2.94 -13.34 15.97
N TRP E 93 -3.73 -14.39 15.73
CA TRP E 93 -5.06 -14.26 15.19
C TRP E 93 -6.12 -15.04 15.95
N GLY E 94 -5.69 -16.03 16.74
CA GLY E 94 -6.62 -16.86 17.49
C GLY E 94 -6.27 -17.05 18.95
N GLU E 95 -7.27 -17.49 19.71
CA GLU E 95 -7.17 -17.76 21.14
C GLU E 95 -6.76 -19.22 21.36
N PHE E 96 -6.13 -19.51 22.50
CA PHE E 96 -5.67 -20.84 22.87
C PHE E 96 -5.26 -20.85 24.35
N GLU E 97 -4.97 -22.05 24.88
CA GLU E 97 -4.57 -22.20 26.27
C GLU E 97 -3.05 -22.15 26.35
N ILE E 98 -2.56 -21.37 27.33
CA ILE E 98 -1.15 -21.26 27.63
C ILE E 98 -0.94 -21.99 28.94
N ILE E 99 0.05 -22.87 28.97
CA ILE E 99 0.41 -23.57 30.19
C ILE E 99 1.62 -22.85 30.75
N ILE E 100 1.45 -22.26 31.93
CA ILE E 100 2.48 -21.48 32.65
C ILE E 100 3.05 -22.33 33.78
N LYS E 101 4.36 -22.55 33.78
CA LYS E 101 5.01 -23.35 34.81
C LYS E 101 6.07 -22.50 35.52
N ILE E 102 5.86 -22.27 36.83
CA ILE E 102 6.73 -21.47 37.69
C ILE E 102 7.72 -22.36 38.44
N PHE E 103 9.02 -22.14 38.22
CA PHE E 103 10.09 -22.88 38.88
C PHE E 103 10.75 -22.05 39.97
N PHE E 104 10.93 -22.65 41.15
CA PHE E 104 11.52 -21.95 42.29
C PHE E 104 13.02 -22.21 42.48
N ILE E 105 13.68 -21.26 43.16
CA ILE E 105 15.11 -21.29 43.48
C ILE E 105 15.37 -22.50 44.39
N ASP E 106 14.49 -22.69 45.41
CA ASP E 106 14.53 -23.80 46.35
C ASP E 106 14.08 -25.08 45.62
N PRO E 107 14.98 -26.08 45.48
CA PRO E 107 14.58 -27.32 44.77
C PRO E 107 13.52 -28.15 45.48
N ASN E 108 13.32 -27.88 46.80
CA ASN E 108 12.33 -28.55 47.65
C ASN E 108 10.92 -28.02 47.34
N GLU E 109 10.83 -26.89 46.60
CA GLU E 109 9.56 -26.27 46.21
C GLU E 109 9.11 -26.74 44.83
N ARG E 110 8.05 -27.55 44.81
CA ARG E 110 7.45 -28.12 43.60
C ARG E 110 7.02 -26.99 42.63
N PRO E 111 7.28 -27.08 41.28
CA PRO E 111 6.82 -26.01 40.37
C PRO E 111 5.32 -25.83 40.39
N VAL E 112 4.88 -24.60 40.17
CA VAL E 112 3.46 -24.26 40.14
C VAL E 112 3.00 -24.25 38.69
N THR E 113 1.91 -24.98 38.38
CA THR E 113 1.36 -25.00 37.03
C THR E 113 0.05 -24.22 36.96
N LEU E 114 0.01 -23.24 36.08
CA LEU E 114 -1.16 -22.41 35.85
C LEU E 114 -1.60 -22.59 34.41
N TYR E 115 -2.91 -22.47 34.19
CA TYR E 115 -3.48 -22.60 32.86
C TYR E 115 -4.24 -21.34 32.57
N HIS E 116 -3.95 -20.74 31.42
CA HIS E 116 -4.56 -19.48 31.05
C HIS E 116 -5.00 -19.47 29.59
N LEU E 117 -6.24 -19.14 29.35
CA LEU E 117 -6.76 -19.04 28.00
C LEU E 117 -6.45 -17.64 27.51
N LEU E 118 -5.52 -17.52 26.53
CA LEU E 118 -5.17 -16.24 25.90
C LEU E 118 -6.45 -15.61 25.35
N LYS E 119 -6.78 -14.40 25.80
CA LYS E 119 -7.97 -13.71 25.32
C LYS E 119 -7.56 -12.61 24.35
N LEU E 120 -8.15 -12.57 23.13
CA LEU E 120 -7.84 -11.50 22.18
C LEU E 120 -9.05 -10.68 21.88
N PHE E 121 -10.25 -11.35 21.81
CA PHE E 121 -11.53 -10.72 21.47
C PHE E 121 -12.26 -10.27 22.69
N GLN E 122 -12.71 -9.01 22.64
CA GLN E 122 -13.40 -8.28 23.71
C GLN E 122 -14.84 -8.79 23.86
N SER E 123 -15.31 -8.96 25.10
CA SER E 123 -16.70 -9.36 25.35
C SER E 123 -17.59 -8.22 24.86
N ASP E 124 -18.84 -8.51 24.45
CA ASP E 124 -19.77 -7.51 23.97
C ASP E 124 -20.01 -6.38 24.99
N THR E 125 -19.98 -6.75 26.30
CA THR E 125 -20.15 -5.85 27.45
C THR E 125 -19.05 -4.82 27.44
N ASN E 126 -17.83 -5.28 27.45
CA ASN E 126 -16.66 -4.39 27.46
C ASN E 126 -16.50 -3.63 26.13
N ALA E 127 -16.96 -4.21 25.01
CA ALA E 127 -16.93 -3.55 23.70
C ALA E 127 -17.89 -2.36 23.75
N MET E 128 -19.05 -2.53 24.36
CA MET E 128 -20.03 -1.47 24.49
C MET E 128 -19.59 -0.39 25.49
N LEU E 129 -18.85 -0.79 26.54
CA LEU E 129 -18.30 0.12 27.56
C LEU E 129 -17.16 0.97 26.99
N GLY E 130 -16.84 0.73 25.73
CA GLY E 130 -15.82 1.47 25.00
C GLY E 130 -14.40 1.09 25.31
N LYS E 131 -14.19 -0.03 26.03
CA LYS E 131 -12.86 -0.55 26.37
C LYS E 131 -12.07 -0.98 25.09
N LYS E 132 -10.86 -0.41 24.87
CA LYS E 132 -10.07 -0.72 23.65
C LYS E 132 -9.18 -1.98 23.78
N THR E 133 -8.62 -2.20 24.96
CA THR E 133 -7.74 -3.33 25.22
C THR E 133 -8.40 -4.39 26.05
N VAL E 134 -8.12 -5.64 25.72
CA VAL E 134 -8.61 -6.81 26.40
C VAL E 134 -7.66 -7.09 27.55
N VAL E 135 -8.21 -7.35 28.74
CA VAL E 135 -7.44 -7.72 29.92
C VAL E 135 -8.08 -8.96 30.51
N SER E 136 -7.30 -10.03 30.64
CA SER E 136 -7.78 -11.25 31.26
C SER E 136 -6.71 -11.56 32.29
N GLU E 137 -6.95 -11.03 33.50
CA GLU E 137 -6.03 -11.11 34.63
C GLU E 137 -6.65 -11.93 35.74
N PHE E 138 -5.85 -12.84 36.32
CA PHE E 138 -6.29 -13.68 37.42
C PHE E 138 -5.32 -13.56 38.58
N TYR E 139 -5.82 -13.89 39.73
CA TYR E 139 -5.09 -13.75 40.95
C TYR E 139 -4.72 -15.09 41.51
N ASP E 140 -3.62 -15.12 42.21
CA ASP E 140 -3.16 -16.31 42.90
C ASP E 140 -2.19 -15.92 43.99
N GLU E 141 -1.96 -16.83 44.92
CA GLU E 141 -1.01 -16.60 46.01
C GLU E 141 -0.04 -17.76 46.06
N MET E 142 1.25 -17.44 46.10
CA MET E 142 2.26 -18.47 46.21
C MET E 142 2.68 -18.54 47.67
N ILE E 143 2.58 -19.74 48.30
CA ILE E 143 2.88 -19.97 49.71
C ILE E 143 4.23 -20.74 49.87
N PHE E 144 5.08 -20.37 50.89
CA PHE E 144 6.41 -20.99 51.06
C PHE E 144 6.86 -21.49 52.50
N GLN E 145 8.12 -22.00 52.52
CA GLN E 145 9.00 -22.55 53.58
C GLN E 145 8.55 -22.29 55.03
N VAL F 19 -11.04 -40.24 8.77
CA VAL F 19 -9.94 -39.28 8.94
C VAL F 19 -9.79 -38.37 7.66
N THR F 20 -10.57 -38.67 6.59
CA THR F 20 -10.61 -37.82 5.39
C THR F 20 -12.05 -37.44 5.04
N ILE F 21 -12.23 -36.19 4.58
CA ILE F 21 -13.52 -35.66 4.15
C ILE F 21 -13.36 -35.15 2.72
N VAL F 22 -14.20 -35.68 1.80
CA VAL F 22 -14.20 -35.28 0.40
C VAL F 22 -15.49 -34.56 0.13
N LYS F 23 -15.38 -33.33 -0.36
CA LYS F 23 -16.52 -32.46 -0.66
C LYS F 23 -16.55 -32.18 -2.14
N PRO F 24 -17.40 -32.88 -2.91
CA PRO F 24 -17.45 -32.64 -4.35
C PRO F 24 -18.02 -31.27 -4.66
N ILE F 25 -17.56 -30.65 -5.75
CA ILE F 25 -17.99 -29.32 -6.21
C ILE F 25 -18.06 -29.30 -7.70
N VAL F 26 -18.77 -28.30 -8.24
CA VAL F 26 -18.87 -28.03 -9.66
C VAL F 26 -18.55 -26.57 -9.82
N TYR F 27 -17.69 -26.25 -10.78
CA TYR F 27 -17.31 -24.89 -11.07
C TYR F 27 -17.35 -24.64 -12.55
N GLY F 28 -17.53 -23.41 -12.95
CA GLY F 28 -17.60 -23.06 -14.35
C GLY F 28 -18.35 -21.79 -14.59
N ASN F 29 -18.83 -21.59 -15.80
CA ASN F 29 -19.59 -20.38 -16.13
C ASN F 29 -20.78 -20.67 -17.06
N VAL F 30 -21.70 -19.70 -17.11
CA VAL F 30 -22.78 -19.59 -18.08
C VAL F 30 -22.55 -18.29 -18.83
N ALA F 31 -22.88 -18.23 -20.11
CA ALA F 31 -22.71 -17.02 -20.88
C ALA F 31 -23.80 -16.94 -21.94
N ARG F 32 -24.27 -15.71 -22.23
CA ARG F 32 -25.28 -15.50 -23.25
C ARG F 32 -24.94 -14.33 -24.14
N TYR F 33 -25.05 -14.53 -25.47
CA TYR F 33 -24.76 -13.51 -26.47
C TYR F 33 -25.88 -12.48 -26.49
N PHE F 34 -25.49 -11.20 -26.48
CA PHE F 34 -26.42 -10.07 -26.52
C PHE F 34 -27.32 -10.07 -27.78
N GLY F 35 -26.81 -10.58 -28.90
CA GLY F 35 -27.52 -10.59 -30.17
C GLY F 35 -26.95 -9.57 -31.12
N LYS F 36 -26.20 -8.61 -30.56
CA LYS F 36 -25.49 -7.52 -31.22
C LYS F 36 -24.44 -6.93 -30.28
N LYS F 37 -23.36 -6.39 -30.87
CA LYS F 37 -22.26 -5.76 -30.14
C LYS F 37 -22.76 -4.43 -29.58
N ARG F 38 -22.56 -4.22 -28.27
CA ARG F 38 -22.95 -3.00 -27.57
C ARG F 38 -21.95 -1.91 -27.98
N GLU F 39 -22.44 -0.84 -28.63
CA GLU F 39 -21.61 0.26 -29.14
C GLU F 39 -20.77 0.97 -28.09
N GLU F 40 -21.36 1.17 -26.89
CA GLU F 40 -20.78 1.88 -25.74
C GLU F 40 -19.43 1.32 -25.28
N ASP F 41 -19.24 -0.02 -25.28
CA ASP F 41 -17.99 -0.62 -24.81
C ASP F 41 -17.48 -1.78 -25.66
N GLY F 42 -18.24 -2.18 -26.67
CA GLY F 42 -17.91 -3.31 -27.53
C GLY F 42 -18.21 -4.67 -26.93
N HIS F 43 -18.93 -4.69 -25.77
CA HIS F 43 -19.29 -5.93 -25.08
C HIS F 43 -20.35 -6.68 -25.87
N THR F 44 -20.19 -8.00 -25.96
CA THR F 44 -21.07 -8.86 -26.75
C THR F 44 -21.82 -9.89 -25.93
N HIS F 45 -21.29 -10.24 -24.73
CA HIS F 45 -21.88 -11.27 -23.86
C HIS F 45 -21.99 -10.87 -22.44
N GLN F 46 -22.96 -11.48 -21.74
CA GLN F 46 -23.08 -11.40 -20.30
C GLN F 46 -22.74 -12.80 -19.82
N TRP F 47 -21.87 -12.92 -18.81
CA TRP F 47 -21.48 -14.20 -18.25
C TRP F 47 -21.51 -14.18 -16.72
N THR F 48 -21.70 -15.34 -16.09
CA THR F 48 -21.70 -15.53 -14.64
C THR F 48 -20.72 -16.66 -14.35
N VAL F 49 -19.77 -16.43 -13.44
CA VAL F 49 -18.79 -17.45 -13.07
C VAL F 49 -19.08 -17.93 -11.64
N TYR F 50 -19.23 -19.28 -11.42
CA TYR F 50 -19.61 -19.91 -10.15
C TYR F 50 -18.76 -21.09 -9.65
N VAL F 51 -18.94 -21.43 -8.35
CA VAL F 51 -18.49 -22.60 -7.59
C VAL F 51 -19.71 -23.03 -6.74
N LYS F 52 -20.17 -24.28 -6.93
CA LYS F 52 -21.31 -24.78 -6.17
C LYS F 52 -21.02 -26.17 -5.66
N PRO F 53 -21.61 -26.62 -4.53
CA PRO F 53 -21.43 -28.02 -4.14
C PRO F 53 -22.14 -28.92 -5.19
N TYR F 54 -21.64 -30.15 -5.45
CA TYR F 54 -22.26 -31.06 -6.41
C TYR F 54 -23.74 -31.35 -6.05
N ARG F 55 -24.06 -31.43 -4.75
CA ARG F 55 -25.42 -31.62 -4.28
C ARG F 55 -25.67 -30.51 -3.26
N ASN F 56 -26.96 -30.13 -2.99
CA ASN F 56 -27.23 -29.02 -2.09
C ASN F 56 -26.59 -29.20 -0.75
N GLU F 57 -25.86 -28.19 -0.34
CA GLU F 57 -25.33 -28.13 1.01
C GLU F 57 -24.78 -26.75 1.29
N ASP F 58 -24.83 -26.37 2.56
CA ASP F 58 -24.28 -25.08 2.93
C ASP F 58 -22.74 -25.17 2.99
N MET F 59 -22.06 -24.66 1.93
CA MET F 59 -20.60 -24.64 1.85
C MET F 59 -20.01 -23.67 2.84
N SER F 60 -20.76 -22.61 3.21
CA SER F 60 -20.28 -21.59 4.17
C SER F 60 -19.95 -22.16 5.56
N ALA F 61 -20.36 -23.41 5.83
CA ALA F 61 -20.04 -24.14 7.05
C ALA F 61 -18.53 -24.43 7.07
N TYR F 62 -17.91 -24.67 5.90
CA TYR F 62 -16.50 -24.96 5.80
C TYR F 62 -15.68 -24.00 4.90
N VAL F 63 -16.34 -23.21 4.01
CA VAL F 63 -15.76 -22.24 3.06
C VAL F 63 -15.89 -20.76 3.59
N LYS F 64 -14.74 -20.06 3.74
CA LYS F 64 -14.63 -18.67 4.23
C LYS F 64 -14.89 -17.64 3.12
N LYS F 65 -14.25 -17.78 1.99
CA LYS F 65 -14.41 -16.91 0.83
C LYS F 65 -13.77 -17.56 -0.37
N ILE F 66 -14.40 -17.37 -1.53
CA ILE F 66 -13.88 -17.80 -2.81
C ILE F 66 -13.49 -16.53 -3.56
N GLN F 67 -12.28 -16.51 -4.10
CA GLN F 67 -11.80 -15.39 -4.87
C GLN F 67 -11.89 -15.76 -6.32
N PHE F 68 -12.32 -14.82 -7.16
CA PHE F 68 -12.35 -15.05 -8.59
C PHE F 68 -11.50 -13.96 -9.24
N LYS F 69 -10.24 -14.31 -9.68
CA LYS F 69 -9.32 -13.35 -10.31
C LYS F 69 -9.62 -13.23 -11.81
N LEU F 70 -10.15 -12.07 -12.21
CA LEU F 70 -10.55 -11.77 -13.60
C LEU F 70 -9.44 -11.15 -14.39
N HIS F 71 -9.74 -10.85 -15.65
CA HIS F 71 -8.81 -10.20 -16.56
C HIS F 71 -8.56 -8.74 -16.13
N GLU F 72 -7.37 -8.22 -16.42
CA GLU F 72 -6.92 -6.87 -16.08
C GLU F 72 -7.81 -5.77 -16.65
N SER F 73 -8.57 -6.06 -17.73
CA SER F 73 -9.48 -5.10 -18.36
C SER F 73 -10.66 -4.76 -17.45
N TYR F 74 -10.96 -5.65 -16.48
CA TYR F 74 -12.03 -5.46 -15.50
C TYR F 74 -11.53 -4.65 -14.30
N GLY F 75 -12.36 -3.74 -13.81
CA GLY F 75 -12.06 -2.96 -12.62
C GLY F 75 -12.14 -3.90 -11.43
N ASN F 76 -11.22 -3.74 -10.45
CA ASN F 76 -11.10 -4.59 -9.24
C ASN F 76 -11.09 -6.07 -9.72
N PRO F 77 -10.08 -6.48 -10.54
CA PRO F 77 -10.09 -7.85 -11.08
C PRO F 77 -10.11 -8.97 -10.05
N LEU F 78 -9.69 -8.68 -8.80
CA LEU F 78 -9.75 -9.69 -7.75
C LEU F 78 -11.10 -9.57 -7.05
N ARG F 79 -12.06 -10.40 -7.49
CA ARG F 79 -13.43 -10.41 -6.96
C ARG F 79 -13.61 -11.38 -5.81
N VAL F 80 -14.26 -10.94 -4.71
CA VAL F 80 -14.47 -11.70 -3.48
C VAL F 80 -15.97 -11.88 -3.05
N VAL F 81 -16.31 -13.14 -2.72
CA VAL F 81 -17.62 -13.66 -2.33
C VAL F 81 -17.41 -14.43 -1.05
N THR F 82 -17.89 -13.88 0.02
CA THR F 82 -17.77 -14.50 1.33
C THR F 82 -18.90 -15.52 1.59
N LYS F 83 -20.13 -15.11 1.26
CA LYS F 83 -21.35 -15.85 1.47
C LYS F 83 -21.94 -16.45 0.21
N PRO F 84 -22.59 -17.63 0.26
CA PRO F 84 -23.18 -18.21 -0.96
C PRO F 84 -24.29 -17.32 -1.52
N PRO F 85 -24.58 -17.35 -2.84
CA PRO F 85 -23.95 -18.13 -3.92
C PRO F 85 -22.54 -17.65 -4.26
N TYR F 86 -21.62 -18.59 -4.56
CA TYR F 86 -20.27 -18.20 -4.87
C TYR F 86 -20.20 -17.96 -6.37
N GLU F 87 -20.65 -16.77 -6.78
CA GLU F 87 -20.70 -16.36 -8.19
C GLU F 87 -20.34 -14.89 -8.42
N ILE F 88 -19.84 -14.60 -9.65
CA ILE F 88 -19.45 -13.27 -10.15
C ILE F 88 -20.07 -13.10 -11.54
N THR F 89 -21.00 -12.13 -11.71
CA THR F 89 -21.66 -11.83 -13.00
C THR F 89 -20.86 -10.69 -13.67
N GLU F 90 -20.80 -10.68 -15.01
CA GLU F 90 -20.15 -9.65 -15.82
C GLU F 90 -20.61 -9.66 -17.28
N THR F 91 -20.02 -8.73 -18.04
CA THR F 91 -20.20 -8.52 -19.46
C THR F 91 -18.86 -8.26 -20.04
N GLY F 92 -18.67 -8.76 -21.24
CA GLY F 92 -17.40 -8.61 -21.94
C GLY F 92 -17.46 -8.98 -23.40
N TRP F 93 -16.30 -9.20 -23.97
CA TRP F 93 -16.20 -9.51 -25.39
C TRP F 93 -15.24 -10.67 -25.71
N GLY F 94 -14.37 -11.02 -24.74
CA GLY F 94 -13.40 -12.08 -24.93
C GLY F 94 -13.30 -13.10 -23.80
N GLU F 95 -12.70 -14.26 -24.12
CA GLU F 95 -12.50 -15.39 -23.21
C GLU F 95 -11.17 -15.21 -22.54
N PHE F 96 -11.07 -15.64 -21.28
CA PHE F 96 -9.84 -15.56 -20.50
C PHE F 96 -9.87 -16.61 -19.40
N GLU F 97 -8.73 -16.84 -18.75
CA GLU F 97 -8.60 -17.78 -17.64
C GLU F 97 -8.95 -17.03 -16.35
N ILE F 98 -9.78 -17.66 -15.52
CA ILE F 98 -10.13 -17.15 -14.22
C ILE F 98 -9.44 -18.05 -13.23
N ILE F 99 -8.70 -17.44 -12.29
CA ILE F 99 -8.08 -18.17 -11.19
C ILE F 99 -9.06 -18.08 -9.99
N ILE F 100 -9.68 -19.23 -9.65
CA ILE F 100 -10.64 -19.38 -8.54
C ILE F 100 -9.85 -19.85 -7.33
N LYS F 101 -9.94 -19.12 -6.19
CA LYS F 101 -9.19 -19.45 -4.98
C LYS F 101 -10.19 -19.68 -3.83
N ILE F 102 -10.32 -20.94 -3.35
CA ILE F 102 -11.23 -21.32 -2.26
C ILE F 102 -10.51 -21.30 -0.92
N PHE F 103 -10.96 -20.45 -0.01
CA PHE F 103 -10.41 -20.31 1.35
C PHE F 103 -11.30 -20.99 2.36
N PHE F 104 -10.71 -21.78 3.25
CA PHE F 104 -11.45 -22.51 4.25
C PHE F 104 -11.51 -21.83 5.61
N ILE F 105 -12.54 -22.18 6.41
CA ILE F 105 -12.79 -21.69 7.76
C ILE F 105 -11.61 -22.13 8.64
N ASP F 106 -11.17 -23.40 8.51
CA ASP F 106 -10.00 -23.94 9.23
C ASP F 106 -8.72 -23.34 8.63
N PRO F 107 -7.95 -22.57 9.40
CA PRO F 107 -6.72 -21.96 8.84
C PRO F 107 -5.61 -22.96 8.54
N ASN F 108 -5.73 -24.19 9.09
CA ASN F 108 -4.80 -25.30 8.83
C ASN F 108 -5.05 -25.90 7.42
N GLU F 109 -6.17 -25.54 6.77
CA GLU F 109 -6.52 -26.03 5.45
C GLU F 109 -6.08 -25.05 4.38
N ARG F 110 -5.08 -25.47 3.61
CA ARG F 110 -4.50 -24.78 2.46
C ARG F 110 -5.60 -24.44 1.42
N PRO F 111 -5.63 -23.18 0.88
CA PRO F 111 -6.66 -22.85 -0.13
C PRO F 111 -6.58 -23.75 -1.35
N VAL F 112 -7.72 -23.96 -1.98
CA VAL F 112 -7.82 -24.76 -3.19
C VAL F 112 -7.79 -23.78 -4.37
N THR F 113 -6.88 -24.01 -5.33
CA THR F 113 -6.81 -23.17 -6.50
C THR F 113 -7.37 -23.91 -7.72
N LEU F 114 -8.35 -23.30 -8.38
CA LEU F 114 -8.96 -23.82 -9.57
C LEU F 114 -8.70 -22.84 -10.69
N TYR F 115 -8.59 -23.37 -11.92
CA TYR F 115 -8.35 -22.56 -13.09
C TYR F 115 -9.47 -22.87 -14.05
N HIS F 116 -10.15 -21.83 -14.51
CA HIS F 116 -11.27 -22.01 -15.40
C HIS F 116 -11.19 -21.07 -16.59
N LEU F 117 -11.25 -21.65 -17.82
CA LEU F 117 -11.25 -20.82 -19.00
C LEU F 117 -12.71 -20.40 -19.26
N LEU F 118 -12.99 -19.09 -19.06
CA LEU F 118 -14.31 -18.53 -19.29
C LEU F 118 -14.75 -18.75 -20.75
N LYS F 119 -15.83 -19.50 -20.97
CA LYS F 119 -16.36 -19.80 -22.30
C LYS F 119 -17.53 -18.87 -22.63
N LEU F 120 -17.47 -18.28 -23.83
CA LEU F 120 -18.49 -17.33 -24.29
C LEU F 120 -19.08 -17.78 -25.59
N PHE F 121 -18.21 -18.19 -26.48
CA PHE F 121 -18.62 -18.58 -27.79
C PHE F 121 -18.99 -20.02 -27.81
N GLN F 122 -20.14 -20.28 -28.42
CA GLN F 122 -20.74 -21.58 -28.58
C GLN F 122 -19.94 -22.38 -29.61
N SER F 123 -19.65 -23.67 -29.28
CA SER F 123 -18.94 -24.59 -30.17
C SER F 123 -19.82 -24.80 -31.42
N ASP F 124 -19.21 -25.09 -32.59
CA ASP F 124 -19.95 -25.30 -33.85
C ASP F 124 -21.00 -26.43 -33.73
N THR F 125 -20.60 -27.54 -33.04
CA THR F 125 -21.40 -28.73 -32.70
C THR F 125 -22.70 -28.32 -31.99
N ASN F 126 -22.58 -27.47 -30.91
CA ASN F 126 -23.65 -26.92 -30.06
C ASN F 126 -24.43 -25.73 -30.69
N ALA F 127 -23.82 -25.02 -31.67
CA ALA F 127 -24.43 -23.91 -32.42
C ALA F 127 -25.41 -24.48 -33.41
N MET F 128 -24.92 -25.40 -34.30
CA MET F 128 -25.70 -26.07 -35.36
C MET F 128 -26.81 -26.97 -34.77
N LEU F 129 -26.81 -27.09 -33.41
CA LEU F 129 -27.80 -27.76 -32.57
C LEU F 129 -28.97 -26.77 -32.46
N GLY F 130 -28.70 -25.66 -31.75
CA GLY F 130 -29.63 -24.57 -31.52
C GLY F 130 -29.56 -24.00 -30.12
N LYS F 131 -28.61 -24.51 -29.30
CA LYS F 131 -28.38 -24.07 -27.92
C LYS F 131 -28.20 -22.51 -27.84
N LYS F 132 -28.92 -21.84 -26.90
CA LYS F 132 -28.94 -20.37 -26.67
C LYS F 132 -27.81 -19.86 -25.71
N THR F 133 -27.66 -20.55 -24.57
CA THR F 133 -26.65 -20.19 -23.58
C THR F 133 -25.50 -21.21 -23.57
N VAL F 134 -24.30 -20.69 -23.36
CA VAL F 134 -23.09 -21.47 -23.26
C VAL F 134 -22.94 -21.87 -21.80
N VAL F 135 -22.60 -23.12 -21.55
CA VAL F 135 -22.39 -23.65 -20.19
C VAL F 135 -21.09 -24.42 -20.23
N SER F 136 -20.17 -24.07 -19.36
CA SER F 136 -18.89 -24.74 -19.24
C SER F 136 -18.69 -24.99 -17.74
N GLU F 137 -18.96 -26.22 -17.35
CA GLU F 137 -18.93 -26.63 -15.97
C GLU F 137 -18.03 -27.84 -15.84
N PHE F 138 -17.32 -27.95 -14.74
CA PHE F 138 -16.39 -29.02 -14.43
C PHE F 138 -16.59 -29.50 -13.01
N TYR F 139 -16.35 -30.77 -12.76
CA TYR F 139 -16.49 -31.39 -11.43
C TYR F 139 -15.12 -31.51 -10.82
N ASP F 140 -15.04 -31.29 -9.50
CA ASP F 140 -13.82 -31.46 -8.74
C ASP F 140 -14.18 -31.83 -7.32
N GLU F 141 -13.18 -32.25 -6.53
CA GLU F 141 -13.38 -32.69 -5.15
C GLU F 141 -12.39 -31.98 -4.29
N MET F 142 -12.89 -31.40 -3.19
CA MET F 142 -12.01 -30.76 -2.19
C MET F 142 -11.78 -31.78 -1.08
N ILE F 143 -10.51 -32.12 -0.83
CA ILE F 143 -10.11 -33.11 0.19
C ILE F 143 -9.55 -32.46 1.45
N PHE F 144 -10.07 -32.88 2.64
CA PHE F 144 -9.64 -32.47 3.97
C PHE F 144 -9.55 -33.71 4.86
N VAL G 19 -3.47 0.61 -49.77
CA VAL G 19 -3.69 -0.83 -49.83
C VAL G 19 -3.02 -1.57 -48.67
N THR G 20 -3.79 -2.44 -47.98
CA THR G 20 -3.25 -3.28 -46.89
C THR G 20 -2.82 -4.64 -47.47
N ILE G 21 -2.12 -5.40 -46.65
CA ILE G 21 -1.61 -6.72 -46.97
C ILE G 21 -1.96 -7.65 -45.80
N VAL G 22 -2.53 -8.81 -46.14
CA VAL G 22 -2.93 -9.84 -45.18
C VAL G 22 -2.02 -11.03 -45.35
N LYS G 23 -1.39 -11.42 -44.24
CA LYS G 23 -0.46 -12.54 -44.20
C LYS G 23 -1.01 -13.63 -43.31
N PRO G 24 -1.63 -14.67 -43.88
CA PRO G 24 -2.15 -15.75 -43.06
C PRO G 24 -1.03 -16.53 -42.37
N ILE G 25 -1.30 -17.02 -41.15
CA ILE G 25 -0.36 -17.78 -40.31
C ILE G 25 -1.09 -18.93 -39.64
N VAL G 26 -0.33 -19.89 -39.12
CA VAL G 26 -0.81 -21.00 -38.30
C VAL G 26 0.05 -21.01 -37.09
N TYR G 27 -0.63 -20.99 -35.92
CA TYR G 27 0.04 -20.95 -34.62
C TYR G 27 -0.44 -22.07 -33.76
N GLY G 28 0.43 -22.60 -32.89
CA GLY G 28 -0.01 -23.62 -31.96
C GLY G 28 1.10 -24.45 -31.41
N ASN G 29 0.82 -25.72 -31.07
CA ASN G 29 1.86 -26.58 -30.51
C ASN G 29 1.72 -28.04 -30.86
N VAL G 30 2.85 -28.76 -30.67
CA VAL G 30 2.93 -30.22 -30.72
C VAL G 30 3.42 -30.64 -29.34
N ALA G 31 2.97 -31.75 -28.82
CA ALA G 31 3.40 -32.21 -27.50
C ALA G 31 3.40 -33.71 -27.50
N ARG G 32 4.34 -34.30 -26.74
CA ARG G 32 4.43 -35.75 -26.64
C ARG G 32 4.73 -36.17 -25.25
N TYR G 33 4.02 -37.20 -24.79
CA TYR G 33 4.20 -37.75 -23.45
C TYR G 33 5.49 -38.54 -23.37
N PHE G 34 6.29 -38.30 -22.33
CA PHE G 34 7.57 -38.99 -22.08
C PHE G 34 7.40 -40.51 -21.96
N GLY G 35 6.26 -40.95 -21.42
CA GLY G 35 6.01 -42.37 -21.18
C GLY G 35 6.10 -42.69 -19.71
N LYS G 36 6.73 -41.78 -18.95
CA LYS G 36 6.94 -41.83 -17.50
C LYS G 36 7.30 -40.43 -17.01
N LYS G 37 6.94 -40.14 -15.76
CA LYS G 37 7.20 -38.87 -15.09
C LYS G 37 8.71 -38.85 -14.74
N ARG G 38 9.46 -37.86 -15.28
CA ARG G 38 10.91 -37.71 -15.06
C ARG G 38 11.18 -37.41 -13.56
N GLU G 39 11.64 -38.43 -12.78
CA GLU G 39 11.88 -38.38 -11.31
C GLU G 39 12.53 -37.08 -10.80
N GLU G 40 13.34 -36.40 -11.67
CA GLU G 40 14.06 -35.17 -11.34
C GLU G 40 13.18 -33.93 -11.07
N ASP G 41 12.25 -33.62 -12.01
CA ASP G 41 11.42 -32.42 -12.02
C ASP G 41 9.91 -32.67 -12.13
N GLY G 42 9.53 -33.96 -12.25
CA GLY G 42 8.14 -34.41 -12.37
C GLY G 42 7.48 -34.06 -13.69
N HIS G 43 8.32 -33.75 -14.70
CA HIS G 43 7.92 -33.40 -16.06
C HIS G 43 7.47 -34.66 -16.80
N THR G 44 6.38 -34.54 -17.57
CA THR G 44 5.78 -35.65 -18.29
C THR G 44 5.74 -35.44 -19.80
N HIS G 45 5.88 -34.19 -20.26
CA HIS G 45 5.79 -33.93 -21.69
C HIS G 45 6.83 -33.00 -22.18
N GLN G 46 7.14 -33.17 -23.49
CA GLN G 46 7.98 -32.25 -24.25
C GLN G 46 7.04 -31.63 -25.23
N TRP G 47 7.12 -30.32 -25.37
CA TRP G 47 6.26 -29.59 -26.27
C TRP G 47 7.00 -28.55 -27.05
N THR G 48 6.41 -28.17 -28.19
CA THR G 48 6.94 -27.17 -29.10
C THR G 48 5.83 -26.25 -29.52
N VAL G 49 5.97 -24.98 -29.19
CA VAL G 49 5.02 -23.94 -29.58
C VAL G 49 5.62 -23.24 -30.79
N TYR G 50 4.82 -22.92 -31.79
CA TYR G 50 5.29 -22.34 -33.04
C TYR G 50 4.35 -21.35 -33.70
N VAL G 51 4.91 -20.58 -34.65
CA VAL G 51 4.18 -19.69 -35.55
C VAL G 51 4.77 -19.97 -36.95
N LYS G 52 3.92 -20.31 -37.91
CA LYS G 52 4.41 -20.56 -39.28
C LYS G 52 3.51 -19.88 -40.30
N PRO G 53 4.01 -19.47 -41.49
CA PRO G 53 3.08 -18.90 -42.49
C PRO G 53 2.17 -20.03 -43.00
N TYR G 54 0.93 -19.72 -43.38
CA TYR G 54 -0.03 -20.74 -43.86
C TYR G 54 0.50 -21.47 -45.11
N ARG G 55 1.00 -20.70 -46.08
CA ARG G 55 1.63 -21.11 -47.34
C ARG G 55 3.10 -20.80 -47.03
N ASN G 56 4.05 -21.67 -47.38
CA ASN G 56 5.43 -21.39 -47.00
C ASN G 56 6.00 -20.21 -47.72
N GLU G 57 6.64 -19.37 -46.95
CA GLU G 57 7.31 -18.14 -47.36
C GLU G 57 8.27 -17.70 -46.29
N ASP G 58 9.19 -16.83 -46.67
CA ASP G 58 10.11 -16.32 -45.67
C ASP G 58 9.45 -15.18 -44.86
N MET G 59 9.01 -15.48 -43.61
CA MET G 59 8.37 -14.49 -42.73
C MET G 59 9.37 -13.48 -42.26
N SER G 60 10.67 -13.87 -42.14
CA SER G 60 11.75 -12.99 -41.64
C SER G 60 11.93 -11.71 -42.46
N ALA G 61 11.30 -11.67 -43.65
CA ALA G 61 11.26 -10.51 -44.54
C ALA G 61 10.47 -9.40 -43.88
N TYR G 62 9.43 -9.73 -43.11
CA TYR G 62 8.58 -8.75 -42.47
C TYR G 62 8.51 -8.88 -40.95
N VAL G 63 8.92 -10.04 -40.40
CA VAL G 63 8.94 -10.26 -38.97
C VAL G 63 10.35 -10.06 -38.41
N LYS G 64 10.49 -9.20 -37.40
CA LYS G 64 11.77 -8.91 -36.75
C LYS G 64 12.09 -9.99 -35.71
N LYS G 65 11.09 -10.34 -34.87
CA LYS G 65 11.21 -11.35 -33.82
C LYS G 65 9.81 -11.76 -33.30
N ILE G 66 9.71 -13.00 -32.78
CA ILE G 66 8.50 -13.52 -32.19
C ILE G 66 8.85 -13.92 -30.78
N GLN G 67 8.13 -13.35 -29.81
CA GLN G 67 8.32 -13.61 -28.40
C GLN G 67 7.22 -14.49 -27.92
N PHE G 68 7.57 -15.52 -27.16
CA PHE G 68 6.61 -16.46 -26.58
C PHE G 68 6.73 -16.31 -25.07
N LYS G 69 5.64 -15.94 -24.38
CA LYS G 69 5.66 -15.75 -22.92
C LYS G 69 5.10 -16.99 -22.24
N LEU G 70 6.00 -17.69 -21.57
CA LEU G 70 5.70 -18.97 -20.94
C LEU G 70 5.14 -18.82 -19.51
N HIS G 71 5.00 -19.96 -18.85
CA HIS G 71 4.46 -19.96 -17.51
C HIS G 71 5.58 -19.60 -16.56
N GLU G 72 5.21 -18.81 -15.56
CA GLU G 72 6.06 -18.23 -14.51
C GLU G 72 6.90 -19.28 -13.74
N SER G 73 6.45 -20.57 -13.78
CA SER G 73 7.16 -21.73 -13.24
C SER G 73 8.48 -21.97 -14.03
N TYR G 74 8.59 -21.50 -15.32
CA TYR G 74 9.75 -21.64 -16.22
C TYR G 74 10.91 -20.67 -15.92
N GLY G 75 10.67 -19.74 -14.99
CA GLY G 75 11.64 -18.73 -14.59
C GLY G 75 11.42 -17.48 -15.40
N ASN G 76 12.37 -17.17 -16.33
CA ASN G 76 12.15 -16.06 -17.24
C ASN G 76 11.12 -16.64 -18.24
N PRO G 77 9.86 -16.12 -18.16
CA PRO G 77 8.80 -16.63 -19.06
C PRO G 77 9.01 -16.22 -20.53
N LEU G 78 9.70 -15.09 -20.76
CA LEU G 78 9.96 -14.53 -22.07
C LEU G 78 10.93 -15.43 -22.83
N ARG G 79 10.56 -15.77 -24.06
CA ARG G 79 11.37 -16.55 -25.01
C ARG G 79 11.32 -15.84 -26.33
N VAL G 80 12.46 -15.53 -26.94
CA VAL G 80 12.49 -14.76 -28.17
C VAL G 80 13.15 -15.52 -29.27
N VAL G 81 12.48 -15.57 -30.45
CA VAL G 81 12.98 -16.19 -31.67
C VAL G 81 13.09 -15.11 -32.74
N THR G 82 14.30 -14.92 -33.27
CA THR G 82 14.63 -13.87 -34.24
C THR G 82 14.67 -14.34 -35.70
N LYS G 83 14.83 -15.64 -35.94
CA LYS G 83 14.91 -16.22 -37.27
C LYS G 83 14.09 -17.48 -37.35
N PRO G 84 13.52 -17.84 -38.54
CA PRO G 84 12.75 -19.10 -38.67
C PRO G 84 13.60 -20.34 -38.37
N PRO G 85 13.05 -21.45 -37.83
CA PRO G 85 11.64 -21.71 -37.50
C PRO G 85 11.20 -20.93 -36.25
N TYR G 86 9.96 -20.38 -36.22
CA TYR G 86 9.56 -19.64 -34.99
C TYR G 86 8.96 -20.62 -34.00
N GLU G 87 9.86 -21.33 -33.31
CA GLU G 87 9.49 -22.37 -32.36
C GLU G 87 10.08 -22.13 -31.05
N ILE G 88 9.49 -22.78 -30.05
CA ILE G 88 9.98 -22.83 -28.68
C ILE G 88 9.60 -24.20 -28.14
N THR G 89 10.63 -25.02 -27.94
CA THR G 89 10.55 -26.34 -27.34
C THR G 89 10.89 -26.14 -25.88
N GLU G 90 10.26 -26.93 -25.04
CA GLU G 90 10.39 -26.89 -23.60
C GLU G 90 9.69 -28.17 -23.09
N THR G 91 9.89 -28.50 -21.82
CA THR G 91 9.28 -29.64 -21.17
C THR G 91 8.43 -29.13 -20.03
N GLY G 92 7.42 -29.89 -19.65
CA GLY G 92 6.53 -29.52 -18.57
C GLY G 92 5.61 -30.64 -18.15
N TRP G 93 4.70 -30.33 -17.20
CA TRP G 93 3.72 -31.28 -16.66
C TRP G 93 2.27 -30.83 -16.79
N GLY G 94 2.05 -29.52 -17.02
CA GLY G 94 0.72 -28.93 -17.09
C GLY G 94 0.50 -27.99 -18.26
N GLU G 95 -0.76 -27.72 -18.55
CA GLU G 95 -1.11 -26.83 -19.65
C GLU G 95 -1.28 -25.43 -19.11
N PHE G 96 -1.10 -24.47 -20.01
CA PHE G 96 -1.22 -23.06 -19.66
C PHE G 96 -1.36 -22.25 -20.94
N GLU G 97 -1.65 -20.95 -20.80
CA GLU G 97 -1.76 -20.01 -21.90
C GLU G 97 -0.38 -19.43 -22.20
N ILE G 98 -0.04 -19.37 -23.48
CA ILE G 98 1.20 -18.77 -23.95
C ILE G 98 0.77 -17.51 -24.68
N ILE G 99 1.41 -16.39 -24.37
CA ILE G 99 1.14 -15.15 -25.05
C ILE G 99 2.26 -15.00 -26.10
N ILE G 100 1.86 -15.01 -27.38
CA ILE G 100 2.72 -14.88 -28.53
C ILE G 100 2.63 -13.44 -29.06
N LYS G 101 3.77 -12.74 -29.11
CA LYS G 101 3.84 -11.36 -29.58
C LYS G 101 4.82 -11.30 -30.76
N ILE G 102 4.29 -10.86 -31.89
CA ILE G 102 4.97 -10.80 -33.19
C ILE G 102 5.43 -9.36 -33.49
N PHE G 103 6.75 -9.15 -33.55
CA PHE G 103 7.34 -7.83 -33.78
C PHE G 103 7.75 -7.67 -35.21
N PHE G 104 7.35 -6.56 -35.82
CA PHE G 104 7.59 -6.35 -37.24
C PHE G 104 8.82 -5.51 -37.54
N ILE G 105 9.39 -5.68 -38.75
CA ILE G 105 10.55 -4.97 -39.30
C ILE G 105 10.26 -3.47 -39.34
N ASP G 106 9.05 -3.08 -39.82
CA ASP G 106 8.62 -1.67 -39.83
C ASP G 106 8.24 -1.29 -38.39
N PRO G 107 8.93 -0.30 -37.76
CA PRO G 107 8.61 0.05 -36.37
C PRO G 107 7.24 0.73 -36.21
N ASN G 108 6.67 1.22 -37.34
CA ASN G 108 5.35 1.87 -37.40
C ASN G 108 4.22 0.83 -37.32
N GLU G 109 4.58 -0.47 -37.48
CA GLU G 109 3.64 -1.58 -37.42
C GLU G 109 3.57 -2.16 -36.02
N ARG G 110 2.43 -1.89 -35.37
CA ARG G 110 2.06 -2.37 -34.03
C ARG G 110 2.24 -3.92 -33.95
N PRO G 111 2.88 -4.46 -32.87
CA PRO G 111 3.03 -5.92 -32.76
C PRO G 111 1.68 -6.59 -32.65
N VAL G 112 1.57 -7.79 -33.15
CA VAL G 112 0.30 -8.46 -33.02
C VAL G 112 0.44 -9.42 -31.87
N THR G 113 -0.64 -9.62 -31.18
CA THR G 113 -0.63 -10.49 -30.04
C THR G 113 -1.61 -11.67 -30.24
N LEU G 114 -1.08 -12.88 -30.07
CA LEU G 114 -1.85 -14.10 -30.14
C LEU G 114 -1.81 -14.81 -28.78
N TYR G 115 -2.86 -15.55 -28.48
CA TYR G 115 -2.96 -16.30 -27.23
C TYR G 115 -3.18 -17.75 -27.63
N HIS G 116 -2.36 -18.64 -27.04
CA HIS G 116 -2.47 -20.06 -27.34
C HIS G 116 -2.44 -20.89 -26.08
N LEU G 117 -3.44 -21.76 -25.92
CA LEU G 117 -3.51 -22.64 -24.77
C LEU G 117 -2.73 -23.89 -25.13
N LEU G 118 -1.58 -24.07 -24.47
CA LEU G 118 -0.71 -25.20 -24.67
C LEU G 118 -1.45 -26.52 -24.39
N LYS G 119 -1.55 -27.38 -25.39
CA LYS G 119 -2.22 -28.68 -25.22
C LYS G 119 -1.20 -29.79 -25.04
N LEU G 120 -1.36 -30.60 -23.98
CA LEU G 120 -0.46 -31.75 -23.70
C LEU G 120 -1.21 -33.04 -23.74
N PHE G 121 -2.38 -33.05 -23.13
CA PHE G 121 -3.17 -34.26 -23.02
C PHE G 121 -4.09 -34.48 -24.20
N GLN G 122 -4.04 -35.70 -24.71
CA GLN G 122 -4.73 -36.22 -25.88
C GLN G 122 -6.20 -36.45 -25.59
N SER G 123 -7.07 -36.10 -26.54
CA SER G 123 -8.52 -36.37 -26.42
C SER G 123 -8.73 -37.90 -26.41
N ASP G 124 -9.80 -38.39 -25.75
CA ASP G 124 -10.10 -39.83 -25.66
C ASP G 124 -10.20 -40.49 -27.06
N THR G 125 -10.77 -39.74 -28.05
CA THR G 125 -10.94 -40.15 -29.44
C THR G 125 -9.58 -40.42 -30.07
N ASN G 126 -8.67 -39.43 -30.02
CA ASN G 126 -7.32 -39.55 -30.59
C ASN G 126 -6.47 -40.56 -29.81
N ALA G 127 -6.72 -40.73 -28.50
CA ALA G 127 -6.03 -41.72 -27.66
C ALA G 127 -6.41 -43.12 -28.15
N MET G 128 -7.70 -43.33 -28.46
CA MET G 128 -8.21 -44.60 -28.97
C MET G 128 -7.73 -44.89 -30.39
N LEU G 129 -7.55 -43.82 -31.22
CA LEU G 129 -7.05 -43.91 -32.60
C LEU G 129 -5.55 -44.25 -32.63
N GLY G 130 -4.94 -44.34 -31.44
CA GLY G 130 -3.54 -44.68 -31.25
C GLY G 130 -2.56 -43.57 -31.59
N LYS G 131 -3.04 -42.30 -31.68
CA LYS G 131 -2.20 -41.13 -31.97
C LYS G 131 -1.25 -40.84 -30.80
N LYS G 132 0.06 -40.76 -31.11
CA LYS G 132 1.11 -40.57 -30.11
C LYS G 132 1.34 -39.10 -29.71
N THR G 133 1.36 -38.18 -30.70
CA THR G 133 1.58 -36.76 -30.43
C THR G 133 0.32 -35.92 -30.55
N VAL G 134 0.22 -34.94 -29.66
CA VAL G 134 -0.89 -34.01 -29.59
C VAL G 134 -0.53 -32.84 -30.50
N VAL G 135 -1.49 -32.37 -31.31
CA VAL G 135 -1.32 -31.22 -32.20
C VAL G 135 -2.50 -30.28 -31.99
N SER G 136 -2.20 -29.04 -31.64
CA SER G 136 -3.21 -27.99 -31.44
C SER G 136 -2.77 -26.79 -32.24
N GLU G 137 -3.37 -26.64 -33.41
CA GLU G 137 -3.01 -25.61 -34.35
C GLU G 137 -4.21 -24.76 -34.71
N PHE G 138 -3.99 -23.46 -34.89
CA PHE G 138 -5.03 -22.47 -35.22
C PHE G 138 -4.58 -21.58 -36.33
N TYR G 139 -5.53 -21.10 -37.14
CA TYR G 139 -5.24 -20.19 -38.24
C TYR G 139 -5.57 -18.76 -37.84
N ASP G 140 -4.75 -17.81 -38.26
CA ASP G 140 -4.97 -16.39 -38.05
C ASP G 140 -4.38 -15.60 -39.19
N GLU G 141 -4.70 -14.31 -39.26
CA GLU G 141 -4.21 -13.43 -40.33
C GLU G 141 -3.61 -12.19 -39.72
N MET G 142 -2.40 -11.83 -40.14
CA MET G 142 -1.74 -10.60 -39.70
C MET G 142 -1.99 -9.54 -40.77
N ILE G 143 -2.56 -8.38 -40.39
CA ILE G 143 -2.92 -7.30 -41.32
C ILE G 143 -1.98 -6.08 -41.23
N PHE G 144 -1.61 -5.51 -42.44
CA PHE G 144 -0.74 -4.34 -42.67
C PHE G 144 -0.88 -3.76 -44.10
N ILE H 21 -23.45 9.96 5.96
CA ILE H 21 -24.29 10.55 4.92
C ILE H 21 -23.74 11.91 4.48
N VAL H 22 -23.39 12.03 3.18
CA VAL H 22 -22.89 13.28 2.62
C VAL H 22 -23.92 13.76 1.62
N LYS H 23 -24.40 14.98 1.82
CA LYS H 23 -25.39 15.58 0.96
C LYS H 23 -24.79 16.83 0.33
N PRO H 24 -24.24 16.70 -0.91
CA PRO H 24 -23.65 17.86 -1.60
C PRO H 24 -24.70 18.92 -2.00
N ILE H 25 -24.26 20.17 -2.01
CA ILE H 25 -25.07 21.34 -2.32
C ILE H 25 -24.26 22.40 -3.08
N VAL H 26 -24.96 23.19 -3.90
CA VAL H 26 -24.38 24.36 -4.56
C VAL H 26 -25.23 25.56 -4.13
N TYR H 27 -24.57 26.67 -3.86
CA TYR H 27 -25.25 27.87 -3.39
C TYR H 27 -24.60 29.09 -4.02
N GLY H 28 -25.36 30.16 -4.10
CA GLY H 28 -24.85 31.37 -4.70
C GLY H 28 -25.93 32.21 -5.34
N ASN H 29 -25.58 32.89 -6.44
CA ASN H 29 -26.51 33.79 -7.07
C ASN H 29 -26.27 33.99 -8.52
N VAL H 30 -27.33 34.41 -9.19
CA VAL H 30 -27.39 34.86 -10.55
C VAL H 30 -27.88 36.30 -10.52
N ALA H 31 -27.39 37.15 -11.41
CA ALA H 31 -27.83 38.53 -11.45
C ALA H 31 -27.86 39.03 -12.87
N ARG H 32 -28.86 39.87 -13.21
CA ARG H 32 -28.99 40.44 -14.54
C ARG H 32 -29.21 41.92 -14.47
N TYR H 33 -28.41 42.69 -15.22
CA TYR H 33 -28.48 44.15 -15.23
C TYR H 33 -29.69 44.60 -16.02
N PHE H 34 -30.45 45.53 -15.43
CA PHE H 34 -31.66 46.11 -16.02
C PHE H 34 -31.39 46.79 -17.37
N GLY H 35 -30.20 47.36 -17.53
CA GLY H 35 -29.81 48.09 -18.74
C GLY H 35 -29.79 49.58 -18.48
N LYS H 36 -30.49 50.00 -17.40
CA LYS H 36 -30.64 51.36 -16.92
C LYS H 36 -31.12 51.34 -15.46
N LYS H 37 -30.81 52.40 -14.71
CA LYS H 37 -31.22 52.57 -13.32
C LYS H 37 -32.74 52.83 -13.24
N ARG H 38 -33.43 52.13 -12.32
CA ARG H 38 -34.86 52.23 -12.04
C ARG H 38 -35.09 53.55 -11.31
N GLU H 39 -35.89 54.42 -11.90
CA GLU H 39 -36.15 55.75 -11.35
C GLU H 39 -36.84 55.68 -9.97
N GLU H 40 -37.87 54.82 -9.82
CA GLU H 40 -38.68 54.66 -8.61
C GLU H 40 -37.86 54.36 -7.34
N ASP H 41 -36.81 53.51 -7.43
CA ASP H 41 -36.03 53.10 -6.25
C ASP H 41 -34.52 53.07 -6.41
N GLY H 42 -34.03 53.40 -7.61
CA GLY H 42 -32.60 53.42 -7.89
C GLY H 42 -31.97 52.06 -8.11
N HIS H 43 -32.81 51.05 -8.37
CA HIS H 43 -32.38 49.68 -8.61
C HIS H 43 -31.73 49.48 -10.00
N THR H 44 -30.66 48.66 -10.08
CA THR H 44 -29.93 48.43 -11.34
C THR H 44 -29.91 46.96 -11.76
N HIS H 45 -30.10 46.04 -10.81
CA HIS H 45 -30.04 44.61 -11.11
C HIS H 45 -31.22 43.83 -10.52
N GLN H 46 -31.51 42.62 -11.10
CA GLN H 46 -32.48 41.64 -10.58
C GLN H 46 -31.66 40.38 -10.24
N TRP H 47 -31.78 39.87 -9.02
CA TRP H 47 -30.95 38.73 -8.62
C TRP H 47 -31.69 37.63 -7.94
N THR H 48 -31.13 36.42 -7.98
CA THR H 48 -31.74 35.27 -7.34
C THR H 48 -30.69 34.57 -6.52
N VAL H 49 -30.89 34.48 -5.18
CA VAL H 49 -29.95 33.80 -4.27
C VAL H 49 -30.50 32.42 -3.97
N TYR H 50 -29.66 31.37 -4.00
CA TYR H 50 -30.17 30.02 -3.88
C TYR H 50 -29.32 29.03 -3.18
N VAL H 51 -29.95 27.90 -2.77
CA VAL H 51 -29.33 26.65 -2.27
C VAL H 51 -29.98 25.49 -3.09
N LYS H 52 -29.14 24.72 -3.88
CA LYS H 52 -29.65 23.61 -4.70
C LYS H 52 -28.86 22.36 -4.36
N PRO H 53 -29.45 21.14 -4.53
CA PRO H 53 -28.63 19.91 -4.34
C PRO H 53 -27.66 19.81 -5.52
N TYR H 54 -26.44 19.28 -5.33
CA TYR H 54 -25.48 19.15 -6.44
C TYR H 54 -26.08 18.35 -7.64
N ARG H 55 -26.85 17.27 -7.35
CA ARG H 55 -27.55 16.45 -8.33
C ARG H 55 -29.07 16.67 -8.15
N ASN H 56 -29.90 16.32 -9.14
CA ASN H 56 -31.36 16.52 -9.09
C ASN H 56 -32.03 15.72 -7.92
N GLU H 57 -32.25 16.37 -6.74
CA GLU H 57 -32.74 15.71 -5.52
C GLU H 57 -33.70 16.57 -4.64
N ASP H 58 -34.49 15.93 -3.74
CA ASP H 58 -35.41 16.67 -2.89
C ASP H 58 -34.82 16.93 -1.53
N MET H 59 -34.36 18.17 -1.31
CA MET H 59 -33.80 18.55 -0.01
C MET H 59 -34.86 18.64 1.11
N SER H 60 -36.14 18.86 0.79
CA SER H 60 -37.22 18.93 1.80
C SER H 60 -37.40 17.67 2.63
N ALA H 61 -36.80 16.55 2.18
CA ALA H 61 -36.82 15.27 2.87
C ALA H 61 -36.06 15.42 4.21
N TYR H 62 -34.98 16.22 4.19
CA TYR H 62 -34.11 16.46 5.33
C TYR H 62 -33.97 17.94 5.76
N VAL H 63 -34.35 18.90 4.89
CA VAL H 63 -34.30 20.35 5.12
C VAL H 63 -35.67 20.87 5.59
N LYS H 64 -35.72 21.46 6.82
CA LYS H 64 -36.93 22.03 7.43
C LYS H 64 -37.19 23.43 6.86
N LYS H 65 -36.14 24.28 6.80
CA LYS H 65 -36.17 25.64 6.28
C LYS H 65 -34.77 26.18 6.00
N ILE H 66 -34.67 27.11 5.04
CA ILE H 66 -33.41 27.80 4.74
C ILE H 66 -33.68 29.28 4.87
N GLN H 67 -32.88 29.91 5.73
CA GLN H 67 -32.95 31.32 6.08
C GLN H 67 -31.87 32.08 5.33
N PHE H 68 -32.25 33.17 4.65
CA PHE H 68 -31.32 34.00 3.90
C PHE H 68 -31.35 35.38 4.52
N LYS H 69 -30.29 35.77 5.20
CA LYS H 69 -30.26 37.09 5.81
C LYS H 69 -29.70 38.11 4.81
N LEU H 70 -30.58 38.99 4.26
CA LEU H 70 -30.20 40.02 3.30
C LEU H 70 -29.77 41.33 3.99
N HIS H 71 -29.47 42.35 3.19
CA HIS H 71 -29.04 43.64 3.66
C HIS H 71 -30.10 44.38 4.50
N GLU H 72 -29.66 45.31 5.36
CA GLU H 72 -30.46 46.18 6.23
C GLU H 72 -31.48 47.02 5.43
N SER H 73 -31.11 47.42 4.19
CA SER H 73 -31.90 48.24 3.27
C SER H 73 -33.13 47.51 2.77
N TYR H 74 -33.12 46.16 2.79
CA TYR H 74 -34.26 45.35 2.37
C TYR H 74 -35.29 45.20 3.48
N GLY H 75 -36.57 45.25 3.11
CA GLY H 75 -37.65 45.01 4.05
C GLY H 75 -37.66 43.54 4.39
N ASN H 76 -37.89 43.20 5.68
CA ASN H 76 -37.87 41.83 6.21
C ASN H 76 -36.56 41.17 5.78
N PRO H 77 -35.37 41.72 6.17
CA PRO H 77 -34.11 41.15 5.67
C PRO H 77 -33.87 39.68 5.99
N LEU H 78 -34.55 39.13 6.99
CA LEU H 78 -34.43 37.72 7.33
C LEU H 78 -35.50 36.97 6.57
N ARG H 79 -35.16 36.45 5.40
CA ARG H 79 -36.07 35.74 4.51
C ARG H 79 -36.00 34.27 4.79
N VAL H 80 -37.16 33.64 4.99
CA VAL H 80 -37.22 32.21 5.29
C VAL H 80 -37.97 31.47 4.20
N VAL H 81 -37.33 30.41 3.65
CA VAL H 81 -37.90 29.54 2.63
C VAL H 81 -38.08 28.16 3.28
N THR H 82 -39.37 27.69 3.36
CA THR H 82 -39.76 26.43 4.00
C THR H 82 -39.97 25.28 3.05
N LYS H 83 -40.24 25.58 1.76
CA LYS H 83 -40.42 24.56 0.72
C LYS H 83 -39.58 24.84 -0.51
N PRO H 84 -39.10 23.80 -1.21
CA PRO H 84 -38.30 24.05 -2.42
C PRO H 84 -39.07 24.79 -3.51
N PRO H 85 -38.42 25.57 -4.41
CA PRO H 85 -36.97 25.81 -4.50
C PRO H 85 -36.48 26.73 -3.42
N TYR H 86 -35.25 26.50 -2.89
CA TYR H 86 -34.70 27.36 -1.83
C TYR H 86 -34.01 28.55 -2.46
N GLU H 87 -34.81 29.51 -2.92
CA GLU H 87 -34.40 30.70 -3.67
C GLU H 87 -35.04 31.94 -3.16
N ILE H 88 -34.35 33.07 -3.30
CA ILE H 88 -34.90 34.38 -3.01
C ILE H 88 -34.54 35.26 -4.20
N THR H 89 -35.55 35.86 -4.85
CA THR H 89 -35.40 36.76 -5.99
C THR H 89 -35.78 38.14 -5.50
N GLU H 90 -34.95 39.14 -5.81
CA GLU H 90 -35.06 40.53 -5.39
C GLU H 90 -34.37 41.48 -6.38
N THR H 91 -34.44 42.79 -6.12
CA THR H 91 -33.80 43.82 -6.94
C THR H 91 -32.91 44.71 -6.04
N GLY H 92 -31.83 45.26 -6.60
CA GLY H 92 -30.93 46.12 -5.83
C GLY H 92 -29.95 46.94 -6.63
N TRP H 93 -29.03 47.62 -5.94
CA TRP H 93 -28.03 48.47 -6.57
C TRP H 93 -26.57 48.16 -6.15
N GLY H 94 -26.42 47.45 -5.04
CA GLY H 94 -25.11 47.10 -4.51
C GLY H 94 -24.93 45.66 -4.08
N GLU H 95 -23.66 45.23 -3.96
CA GLU H 95 -23.26 43.89 -3.54
C GLU H 95 -23.13 43.86 -2.03
N PHE H 96 -23.47 42.73 -1.43
CA PHE H 96 -23.39 42.51 0.01
C PHE H 96 -23.26 41.01 0.33
N GLU H 97 -22.91 40.68 1.58
CA GLU H 97 -22.83 39.30 2.05
C GLU H 97 -24.20 38.84 2.55
N ILE H 98 -24.59 37.64 2.14
CA ILE H 98 -25.82 37.00 2.57
C ILE H 98 -25.41 35.87 3.49
N ILE H 99 -26.03 35.81 4.67
CA ILE H 99 -25.80 34.75 5.62
C ILE H 99 -26.92 33.74 5.44
N ILE H 100 -26.57 32.53 4.97
CA ILE H 100 -27.51 31.43 4.69
C ILE H 100 -27.46 30.42 5.84
N LYS H 101 -28.62 30.13 6.44
CA LYS H 101 -28.70 29.21 7.58
C LYS H 101 -29.67 28.10 7.23
N ILE H 102 -29.16 26.88 7.16
CA ILE H 102 -29.92 25.67 6.82
C ILE H 102 -30.35 24.94 8.09
N PHE H 103 -31.67 24.78 8.26
CA PHE H 103 -32.26 24.08 9.41
C PHE H 103 -32.75 22.71 8.98
N PHE H 104 -32.45 21.68 9.79
CA PHE H 104 -32.81 20.32 9.47
C PHE H 104 -34.08 19.83 10.17
N ILE H 105 -34.70 18.79 9.57
CA ILE H 105 -35.91 18.12 10.05
C ILE H 105 -35.61 17.51 11.41
N ASP H 106 -34.45 16.83 11.54
CA ASP H 106 -33.98 16.24 12.78
C ASP H 106 -33.49 17.35 13.72
N PRO H 107 -34.13 17.53 14.90
CA PRO H 107 -33.71 18.61 15.82
C PRO H 107 -32.33 18.38 16.44
N ASN H 108 -31.82 17.14 16.37
CA ASN H 108 -30.49 16.75 16.85
C ASN H 108 -29.39 17.23 15.89
N GLU H 109 -29.78 17.66 14.67
CA GLU H 109 -28.85 18.17 13.66
C GLU H 109 -28.72 19.67 13.72
N ARG H 110 -27.55 20.15 14.17
CA ARG H 110 -27.17 21.56 14.28
C ARG H 110 -27.28 22.26 12.87
N PRO H 111 -27.89 23.49 12.79
CA PRO H 111 -27.99 24.18 11.50
C PRO H 111 -26.64 24.46 10.85
N VAL H 112 -26.64 24.50 9.52
CA VAL H 112 -25.44 24.77 8.73
C VAL H 112 -25.45 26.25 8.33
N THR H 113 -24.35 26.96 8.63
CA THR H 113 -24.24 28.37 8.25
C THR H 113 -23.26 28.56 7.09
N LEU H 114 -23.75 29.19 6.02
CA LEU H 114 -22.98 29.50 4.83
C LEU H 114 -22.97 31.00 4.65
N TYR H 115 -21.91 31.50 4.02
CA TYR H 115 -21.78 32.92 3.75
C TYR H 115 -21.55 33.09 2.26
N HIS H 116 -22.31 33.96 1.62
CA HIS H 116 -22.18 34.21 0.18
C HIS H 116 -22.23 35.68 -0.18
N LEU H 117 -21.25 36.14 -0.96
CA LEU H 117 -21.19 37.53 -1.43
C LEU H 117 -21.99 37.64 -2.70
N LEU H 118 -23.04 38.46 -2.67
CA LEU H 118 -23.87 38.68 -3.84
C LEU H 118 -23.07 39.29 -4.98
N LYS H 119 -23.00 38.63 -6.13
CA LYS H 119 -22.32 39.24 -7.26
C LYS H 119 -23.32 39.86 -8.25
N LEU H 120 -23.21 41.18 -8.44
CA LEU H 120 -24.09 41.94 -9.34
C LEU H 120 -23.43 42.39 -10.65
N PHE H 121 -22.20 42.89 -10.59
CA PHE H 121 -21.52 43.50 -11.74
C PHE H 121 -20.72 42.56 -12.59
N GLN H 122 -20.95 42.60 -13.93
CA GLN H 122 -20.28 41.78 -14.96
C GLN H 122 -18.88 42.29 -15.18
N SER H 123 -17.91 41.37 -15.25
CA SER H 123 -16.51 41.73 -15.55
C SER H 123 -16.46 42.25 -16.98
N ASP H 124 -15.54 43.16 -17.29
CA ASP H 124 -15.39 43.73 -18.64
C ASP H 124 -15.20 42.63 -19.71
N THR H 125 -14.48 41.53 -19.34
CA THR H 125 -14.20 40.35 -20.18
C THR H 125 -15.50 39.71 -20.59
N ASN H 126 -16.36 39.36 -19.61
CA ASN H 126 -17.64 38.71 -19.86
C ASN H 126 -18.62 39.66 -20.53
N ALA H 127 -18.49 40.97 -20.28
CA ALA H 127 -19.32 41.96 -20.92
C ALA H 127 -18.99 42.00 -22.43
N MET H 128 -17.71 41.91 -22.76
CA MET H 128 -17.24 41.91 -24.15
C MET H 128 -17.61 40.60 -24.87
N LEU H 129 -17.65 39.48 -24.12
CA LEU H 129 -18.02 38.16 -24.63
C LEU H 129 -19.54 38.09 -24.91
N GLY H 130 -20.25 39.15 -24.58
CA GLY H 130 -21.69 39.27 -24.79
C GLY H 130 -22.56 38.53 -23.78
N LYS H 131 -21.97 38.09 -22.65
CA LYS H 131 -22.67 37.35 -21.58
C LYS H 131 -23.70 38.25 -20.87
N LYS H 132 -24.95 37.80 -20.80
CA LYS H 132 -26.02 38.63 -20.22
C LYS H 132 -26.11 38.54 -18.70
N THR H 133 -25.98 37.32 -18.11
CA THR H 133 -26.11 37.14 -16.67
C THR H 133 -24.79 36.84 -15.96
N VAL H 134 -24.68 37.37 -14.75
CA VAL H 134 -23.55 37.15 -13.84
C VAL H 134 -23.90 35.93 -12.99
N VAL H 135 -22.93 35.02 -12.75
CA VAL H 135 -23.15 33.82 -11.94
C VAL H 135 -22.02 33.67 -10.96
N SER H 136 -22.33 33.47 -9.68
CA SER H 136 -21.31 33.19 -8.66
C SER H 136 -21.80 32.01 -7.84
N GLU H 137 -21.26 30.81 -8.08
CA GLU H 137 -21.76 29.62 -7.42
C GLU H 137 -20.62 28.88 -6.70
N PHE H 138 -20.93 28.30 -5.53
CA PHE H 138 -19.97 27.57 -4.72
C PHE H 138 -20.53 26.24 -4.26
N TYR H 139 -19.65 25.26 -4.01
CA TYR H 139 -20.04 23.93 -3.59
C TYR H 139 -19.78 23.71 -2.14
N ASP H 140 -20.67 22.95 -1.49
CA ASP H 140 -20.50 22.54 -0.11
C ASP H 140 -21.13 21.18 0.14
N GLU H 141 -20.78 20.55 1.26
CA GLU H 141 -21.31 19.24 1.63
C GLU H 141 -21.89 19.29 3.02
N MET H 142 -23.08 18.70 3.15
CA MET H 142 -23.73 18.57 4.43
C MET H 142 -23.61 17.12 4.86
N ILE H 143 -22.74 16.91 5.82
CA ILE H 143 -22.45 15.61 6.36
C ILE H 143 -23.38 15.34 7.58
N PHE H 144 -23.87 14.07 7.68
CA PHE H 144 -24.74 13.49 8.73
C PHE H 144 -24.33 12.01 9.01
N GLN H 145 -24.99 11.35 9.99
CA GLN H 145 -24.72 9.95 10.35
C GLN H 145 -25.99 9.15 10.75
N ASP H 146 -25.80 7.92 11.32
CA ASP H 146 -26.84 7.00 11.78
C ASP H 146 -26.28 6.00 12.79
C32 SJI I . -23.73 10.19 -39.50
N3 SJI I . -18.20 15.46 -38.38
C4 SJI I . -19.18 15.63 -37.49
C7 SJI I . -21.17 14.64 -36.38
C6 SJI I . -20.21 14.55 -37.39
C9 SJI I . -22.38 12.84 -37.37
C13 SJI I . -22.97 11.27 -38.85
C20 SJI I . -26.73 12.29 -35.86
C21 SJI I . -25.52 12.74 -36.71
C8 SJI I . -22.26 13.78 -36.35
C18 SJI I . -25.46 10.60 -34.70
C26 SJI I . -28.10 13.34 -32.51
C1 SJI I . -15.79 15.55 -38.73
C2 SJI I . -17.03 16.33 -38.47
O5 SJI I . -19.30 16.66 -36.83
C10 SJI I . -21.44 12.73 -38.39
C11 SJI I . -20.32 13.58 -38.39
N12 SJI I . -21.83 11.75 -39.30
N14 SJI I . -23.36 11.89 -37.68
C15 SJI I . -24.56 11.56 -36.86
C17 SJI I . -24.21 11.01 -35.49
N19 SJI I . -26.37 11.74 -34.54
C23 SJI I . -25.99 13.36 -38.03
C24 SJI I . -27.57 11.27 -33.84
C25 SJI I . -27.84 11.84 -32.46
C27 SJI I . -28.67 13.98 -31.26
C28 SJI I . -29.90 13.23 -30.75
C29 SJI I . -29.59 11.75 -30.55
C30 SJI I . -29.03 11.12 -31.83
O31 SJI I . -26.69 11.57 -31.62
C32 SJI J . 8.20 -25.09 -4.18
N3 SJI J . 10.51 -20.02 1.19
C4 SJI J . 11.39 -20.06 0.19
C7 SJI J . 11.84 -20.76 -2.15
C6 SJI J . 10.99 -20.81 -1.05
C9 SJI J . 10.56 -22.44 -3.22
C13 SJI J . 8.99 -24.02 -3.53
C20 SJI J . 12.64 -24.46 -6.82
C21 SJI J . 12.12 -24.20 -5.40
C8 SJI J . 11.63 -21.57 -3.25
C18 SJI J . 11.05 -22.98 -7.81
C26 SJI J . 14.16 -22.72 -11.15
C1 SJI J . 9.39 -18.60 2.81
C2 SJI J . 10.67 -19.21 2.39
O5 SJI J . 12.53 -19.61 0.31
C10 SJI J . 9.69 -22.51 -2.14
C11 SJI J . 9.89 -21.67 -1.04
N12 SJI J . 8.72 -23.50 -2.36
N14 SJI J . 10.10 -23.43 -4.11
C15 SJI J . 10.65 -23.75 -5.45
C17 SJI J . 10.50 -22.61 -6.45
N19 SJI J . 12.47 -23.32 -7.73
C23 SJI J . 12.34 -25.43 -4.53
C24 SJI J . 13.04 -23.57 -9.06
C25 SJI J . 13.35 -22.33 -9.91
C27 SJI J . 14.41 -21.53 -12.07
C28 SJI J . 13.11 -20.92 -12.54
C29 SJI J . 12.28 -20.46 -11.36
C30 SJI J . 12.09 -21.59 -10.35
O31 SJI J . 14.20 -21.47 -9.13
C32 SJI K . 19.75 18.30 15.99
N3 SJI K . 13.05 20.13 19.29
C4 SJI K . 13.09 18.81 19.15
C7 SJI K . 14.55 16.84 18.67
C6 SJI K . 14.40 18.23 18.74
C9 SJI K . 16.67 17.10 17.64
C13 SJI K . 18.43 18.11 16.67
C20 SJI K . 18.34 13.31 15.62
C21 SJI K . 17.66 14.66 15.81
C8 SJI K . 15.68 16.26 18.13
C18 SJI K . 19.56 13.48 17.70
C26 SJI K . 17.56 9.77 16.57
C1 SJI K . 12.34 21.99 20.73
C2 SJI K . 11.91 20.84 19.88
O5 SJI K . 12.09 18.10 19.24
C10 SJI K . 16.55 18.49 17.69
C11 SJI K . 15.42 19.06 18.25
N12 SJI K . 17.66 19.09 17.07
N14 SJI K . 17.89 16.87 16.98
C15 SJI K . 18.52 15.56 16.70
C17 SJI K . 18.90 14.82 17.98
N19 SJI K . 18.69 12.62 16.86
C23 SJI K . 17.32 15.29 14.47
C24 SJI K . 19.44 11.41 16.52
C25 SJI K . 18.94 10.13 17.11
C27 SJI K . 17.11 8.35 16.84
C28 SJI K . 18.15 7.33 16.36
C29 SJI K . 19.52 7.60 16.99
C30 SJI K . 19.96 9.04 16.74
O31 SJI K . 18.87 10.26 18.55
C32 SJI L . 27.48 6.49 30.47
N3 SJI L . 33.49 3.48 26.71
C4 SJI L . 32.37 3.15 26.08
C7 SJI L . 29.94 3.60 25.79
C6 SJI L . 31.12 3.84 26.51
C9 SJI L . 28.69 4.75 27.47
C13 SJI L . 28.25 5.81 29.40
C20 SJI L . 24.15 4.03 27.34
C21 SJI L . 25.62 3.92 27.73
C8 SJI L . 28.72 4.07 26.26
C18 SJI L . 24.45 6.23 26.36
C26 SJI L . 22.07 3.13 24.34
C1 SJI L . 35.80 4.14 26.36
C2 SJI L . 34.79 3.05 26.23
O5 SJI L . 32.33 2.25 25.24
C10 SJI L . 29.85 5.00 28.20
C11 SJI L . 31.08 4.56 27.71
N12 SJI L . 29.54 5.64 29.41
N14 SJI L . 27.66 5.29 28.25
C15 SJI L . 26.23 5.31 27.89
C17 SJI L . 25.94 6.15 26.64
N19 SJI L . 23.88 4.88 26.18
C23 SJI L . 25.77 3.06 28.99
C24 SJI L . 22.43 4.98 25.99
C25 SJI L . 21.89 4.62 24.63
C27 SJI L . 21.30 2.63 23.12
C28 SJI L . 19.81 2.98 23.22
C29 SJI L . 19.61 4.49 23.44
C30 SJI L . 20.41 5.00 24.62
O31 SJI L . 22.60 5.38 23.62
C32 SJI M . -5.72 -24.27 15.12
N3 SJI M . -1.04 -18.14 15.47
C4 SJI M . -2.02 -17.99 16.36
C7 SJI M . -3.85 -19.11 17.63
C6 SJI M . -2.89 -19.19 16.61
C9 SJI M . -4.79 -21.17 16.90
C13 SJI M . -5.13 -22.99 15.62
C20 SJI M . -9.02 -22.02 18.55
C21 SJI M . -7.87 -21.60 17.61
C8 SJI M . -4.80 -20.11 17.79
C18 SJI M . -7.58 -23.45 19.84
C26 SJI M . -10.49 -20.76 21.77
C1 SJI M . 1.33 -17.78 15.06
C2 SJI M . 0.01 -17.14 15.29
O5 SJI M . -2.27 -16.92 16.88
C10 SJI M . -3.85 -21.27 15.87
C11 SJI M . -2.87 -20.27 15.73
N12 SJI M . -4.09 -22.41 15.10
N14 SJI M . -5.61 -22.30 16.73
C15 SJI M . -6.77 -22.67 17.59
C17 SJI M . -6.37 -23.04 19.01
N19 SJI M . -8.60 -22.39 19.90
C23 SJI M . -8.40 -21.24 16.23
C24 SJI M . -9.76 -22.86 20.66
C25 SJI M . -10.03 -22.20 21.99
C27 SJI M . -11.08 -20.06 23.01
C28 SJI M . -12.20 -20.90 23.63
C29 SJI M . -11.70 -22.30 23.95
C30 SJI M . -11.11 -22.99 22.73
O31 SJI M . -8.83 -22.24 22.81
C32 SJI N . -6.29 -9.08 -24.47
N3 SJI N . -13.09 -7.22 -21.36
C4 SJI N . -13.08 -8.52 -21.68
C7 SJI N . -11.69 -10.49 -22.26
C6 SJI N . -11.76 -9.11 -22.05
C9 SJI N . -9.51 -10.24 -23.15
C13 SJI N . -7.64 -9.25 -23.89
C20 SJI N . -7.94 -13.88 -25.50
C21 SJI N . -8.56 -12.52 -25.20
C8 SJI N . -10.56 -11.08 -22.80
C18 SJI N . -6.90 -14.05 -23.33
C26 SJI N . -8.96 -17.46 -25.13
C1 SJI N . -13.81 -5.57 -19.74
C2 SJI N . -14.24 -6.53 -20.78
O5 SJI N . -14.11 -9.19 -21.74
C10 SJI N . -9.55 -8.87 -22.95
C11 SJI N . -10.68 -8.30 -22.37
N12 SJI N . -8.38 -8.28 -23.42
N14 SJI N . -8.27 -10.48 -23.76
C15 SJI N . -7.72 -11.81 -24.13
C17 SJI N . -7.49 -12.72 -22.93
N19 SJI N . -7.72 -14.74 -24.34
C23 SJI N . -8.76 -11.71 -26.48
C24 SJI N . -7.02 -15.93 -24.80
C25 SJI N . -7.61 -17.27 -24.44
C27 SJI N . -9.50 -18.88 -25.08
C28 SJI N . -8.46 -19.89 -25.62
C29 SJI N . -7.11 -19.76 -24.87
C30 SJI N . -6.60 -18.33 -24.90
O31 SJI N . -7.79 -17.34 -23.01
C32 SJI O . -0.07 -23.53 -11.48
N3 SJI O . 5.94 -26.32 -15.42
C4 SJI O . 4.81 -26.50 -16.12
C7 SJI O . 2.41 -25.89 -16.41
C6 SJI O . 3.58 -25.83 -15.63
C9 SJI O . 1.16 -24.95 -14.63
C13 SJI O . 0.69 -24.15 -12.59
C20 SJI O . -3.46 -25.16 -14.97
C21 SJI O . -2.01 -25.51 -14.62
C8 SJI O . 1.20 -25.45 -15.93
C18 SJI O . -2.91 -22.91 -15.64
C26 SJI O . -5.38 -25.46 -18.19
C1 SJI O . 8.36 -26.01 -15.19
C2 SJI O . 7.25 -26.76 -15.86
O5 SJI O . 4.78 -27.26 -17.08
C10 SJI O . 2.30 -24.90 -13.83
C11 SJI O . 3.53 -25.32 -14.34
N12 SJI O . 1.97 -24.41 -12.55
N14 SJI O . 0.12 -24.46 -13.81
C15 SJI O . -1.28 -24.23 -14.20
C17 SJI O . -1.44 -23.17 -15.28
N19 SJI O . -3.58 -24.15 -16.03
C23 SJI O . -1.96 -26.61 -13.57
C24 SJI O . -5.00 -23.87 -16.27
C25 SJI O . -5.52 -24.03 -17.67
C27 SJI O . -6.12 -25.73 -19.49
C28 SJI O . -7.60 -25.35 -19.37
C29 SJI O . -7.76 -23.88 -18.95
C30 SJI O . -6.98 -23.59 -17.67
O31 SJI O . -4.78 -23.13 -18.52
C32 SJI P . -24.25 50.48 2.43
N3 SJI P . -30.35 47.92 -1.59
C4 SJI P . -29.24 47.28 -1.97
C7 SJI P . -26.88 46.72 -1.46
C6 SJI P . -28.02 47.47 -1.14
C9 SJI P . -25.59 48.01 0.05
C13 SJI P . -25.06 49.65 1.50
C20 SJI P . -21.03 47.58 -0.44
C21 SJI P . -22.46 48.13 -0.55
C8 SJI P . -25.66 46.97 -0.87
C18 SJI P . -21.57 46.22 1.48
C26 SJI P . -19.16 44.65 -1.83
C1 SJI P . -32.76 47.71 -1.16
C2 SJI P . -31.67 47.69 -2.19
O5 SJI P . -29.20 46.63 -3.01
C10 SJI P . -26.71 48.78 0.38
C11 SJI P . -27.95 48.50 -0.20
N12 SJI P . -26.35 49.80 1.28
N14 SJI P . -24.54 48.58 0.78
C15 SJI P . -23.15 48.09 0.82
C17 SJI P . -23.02 46.70 1.43
N19 SJI P . -20.92 46.25 0.16
C23 SJI P . -22.46 49.51 -1.19
C24 SJI P . -19.50 45.90 0.31
C25 SJI P . -19.06 44.61 -0.30
C27 SJI P . -18.44 43.51 -2.55
C28 SJI P . -16.98 43.41 -2.12
C29 SJI P . -16.87 43.25 -0.61
C30 SJI P . -17.61 44.37 0.13
O31 SJI P . -19.87 43.55 0.22
#